data_8U1D
#
_entry.id   8U1D
#
_cell.length_a   1.00
_cell.length_b   1.00
_cell.length_c   1.00
_cell.angle_alpha   90.00
_cell.angle_beta   90.00
_cell.angle_gamma   90.00
#
_symmetry.space_group_name_H-M   'P 1'
#
loop_
_entity.id
_entity.type
_entity.pdbx_description
1 polymer 'Envelope glycoprotein gp120'
2 polymer 'DH1285 Heavy Chain'
3 polymer 'DH1285 Light Chain'
4 non-polymer 2-acetamido-2-deoxy-beta-D-glucopyranose
#
loop_
_entity_poly.entity_id
_entity_poly.type
_entity_poly.pdbx_seq_one_letter_code
_entity_poly.pdbx_strand_id
1 'polypeptide(L)'
;MPMGSLQPLATLYLLGMLVASVLAAENLWVTVYYGVPVWKEAKTTLFCASDAKAYEKKVHNVWATHACVPTDPNPQEMVL
KNVTENFNMWKNDMVDQMHEDVISLWDQSLKPCVKLTPLCVTLNCTNATASNSSIIEGMKNCSFNITTELRDKREKKNAL
FYKLDIVQLDGNSSQYRLINCNTSVITQACPKVSFDPIPIHYCAPAGYAILKCNNKTFTGTGPCNNVSTVQCTHGIKPVV
STQLLLNGSLAEGEIIIRSENITNNVKTIIVHLNESVKIECTRPNNKTRTSIRIGPGQWFYATGQVIGDIREAYCNINES
KWNETLQRVSKKLKEYFPHKNITFQPSSGGDLEITTHSFNCGGEFFYCNTSSLFNRTYMANSTDMANSTETNSTRTITIH
CRIKQIINMWQEVGRAMYAPPIAGNITCISNITGLLLTRDGGKNNTETFRPGGGNMKDNWRSELYKYKVVKIEPLGVAPT
RCKRRVVGRRRRRRAVGIGAVFLGFLGAAGSTMGAASMTLTVQARNLLSGIVQQQSNLLRAPEAQQHLLKLTVWGIKQLQ
ARVLAVERYLRDQQLLGIWGCSGKLICCTNVPWNSSWSNRNLSEIWDNMTWLQWDKEISNYTQIIYGLLEESQNQQEKNE
QDLLALD
;
A
2 'polypeptide(L)'
;MGWSCIILFLVATATGVHAQVHLEQSGAEVKEPGSSVRLSCEASGYTFTDYYIHWVRQSPRQGLEWMGWINPYYGNTHYA
EKFQGRVAMTRDRSTTTAYMDLSSLTSEDTAVYYCARDEGGSGSYSYFDSWGQGVLVTVSSASTKGPSVFPLAPSSRSTS
ESTAALGCLVKDYFPEPVTVSWNSGSLTSGVHTFPAVLQSSGLYSLSSVVTVPSSSLGTQTYVCNVNHKPSNTKVDKRVE
IKT
;
I
3 'polypeptide(L)'
;MGWSCIILFLVATATGVHADIQMTQSPSSLSASVGDTVTITCRASQDINNHLSWYQQKPGRAPKALIYSASSLETGVPSR
FSGSGSGTDYTLTISSLQPEDFATYYCQHYSTSPYTFGRGTKVDIKRAVAAPSVFIFPPSEDQVKSGTVSVVCLLNNFYP
REASVKWKVDGVLKTGNSQESVTEQDSKDNTYSLSSTLTLSSTDYQSHNVYACEVTHQGLSSPVTKSFNRGEC
;
J
#
# COMPACT_ATOMS: atom_id res chain seq x y z
N LYS A 40 9.95 28.02 -13.13
CA LYS A 40 10.41 27.68 -11.79
C LYS A 40 9.30 26.95 -11.02
N GLU A 41 9.64 25.77 -10.49
CA GLU A 41 8.66 24.92 -9.83
C GLU A 41 8.23 25.51 -8.49
N ALA A 42 6.97 25.23 -8.13
CA ALA A 42 6.39 25.75 -6.89
C ALA A 42 5.32 24.78 -6.41
N LYS A 43 4.71 25.13 -5.28
CA LYS A 43 3.64 24.34 -4.68
C LYS A 43 2.34 25.13 -4.76
N THR A 44 1.30 24.51 -5.29
CA THR A 44 0.02 25.18 -5.47
C THR A 44 -1.11 24.15 -5.48
N THR A 45 -2.33 24.64 -5.61
CA THR A 45 -3.52 23.81 -5.64
C THR A 45 -4.24 24.01 -6.97
N LEU A 46 -4.51 22.92 -7.67
CA LEU A 46 -5.14 22.98 -8.98
C LEU A 46 -6.66 22.90 -8.83
N PHE A 47 -7.37 22.74 -9.94
CA PHE A 47 -8.82 22.57 -9.93
C PHE A 47 -9.20 21.37 -10.77
N CYS A 48 -10.51 21.13 -10.94
CA CYS A 48 -11.00 20.01 -11.73
C CYS A 48 -11.92 20.52 -12.82
N ALA A 49 -11.93 19.80 -13.94
CA ALA A 49 -12.73 20.16 -15.11
C ALA A 49 -13.40 18.90 -15.65
N SER A 50 -14.12 19.05 -16.75
CA SER A 50 -14.85 17.93 -17.34
C SER A 50 -15.09 18.21 -18.81
N ASP A 51 -15.76 17.27 -19.47
CA ASP A 51 -16.10 17.38 -20.88
C ASP A 51 -17.48 18.01 -21.04
N ALA A 52 -18.01 17.96 -22.26
CA ALA A 52 -19.34 18.47 -22.56
C ALA A 52 -20.46 17.49 -22.22
N LYS A 53 -20.11 16.27 -21.77
CA LYS A 53 -21.13 15.32 -21.35
C LYS A 53 -21.73 15.75 -20.01
N ALA A 54 -23.05 15.77 -19.94
CA ALA A 54 -23.77 16.20 -18.74
C ALA A 54 -24.76 15.12 -18.33
N TYR A 55 -25.11 15.13 -17.04
CA TYR A 55 -26.05 14.16 -16.50
C TYR A 55 -27.47 14.51 -16.94
N GLU A 56 -28.05 13.67 -17.80
CA GLU A 56 -29.44 13.80 -18.18
C GLU A 56 -30.39 13.29 -17.11
N LYS A 57 -29.87 12.45 -16.20
CA LYS A 57 -30.70 11.99 -15.06
C LYS A 57 -30.58 13.05 -13.97
N LYS A 58 -29.67 14.02 -14.15
CA LYS A 58 -29.51 15.14 -13.17
C LYS A 58 -29.25 14.60 -11.76
N VAL A 59 -28.30 13.67 -11.61
CA VAL A 59 -27.93 13.19 -10.25
C VAL A 59 -26.98 14.24 -9.65
N HIS A 60 -27.52 15.36 -9.17
CA HIS A 60 -26.68 16.47 -8.66
C HIS A 60 -25.50 15.94 -7.83
N ASN A 61 -25.77 15.03 -6.89
CA ASN A 61 -24.68 14.56 -5.98
C ASN A 61 -23.48 14.12 -6.84
N VAL A 62 -23.66 13.17 -7.76
CA VAL A 62 -22.47 12.70 -8.52
C VAL A 62 -22.30 13.66 -9.70
N TRP A 63 -23.34 14.43 -10.02
CA TRP A 63 -23.22 15.47 -11.08
C TRP A 63 -22.18 16.48 -10.62
N ALA A 64 -22.00 16.61 -9.30
CA ALA A 64 -21.01 17.56 -8.74
C ALA A 64 -19.66 17.34 -9.41
N THR A 65 -19.34 16.08 -9.75
CA THR A 65 -18.07 15.78 -10.47
C THR A 65 -17.97 16.73 -11.66
N HIS A 66 -19.10 17.09 -12.26
CA HIS A 66 -19.11 18.05 -13.40
C HIS A 66 -20.28 19.02 -13.24
N ALA A 67 -20.72 19.26 -12.01
CA ALA A 67 -21.90 20.14 -11.77
C ALA A 67 -21.59 21.57 -12.20
N CYS A 68 -20.51 22.14 -11.67
CA CYS A 68 -20.14 23.55 -11.99
C CYS A 68 -18.72 23.59 -12.56
N VAL A 69 -18.05 22.43 -12.62
CA VAL A 69 -16.68 22.39 -13.22
C VAL A 69 -16.81 22.79 -14.69
N PRO A 70 -16.07 23.81 -15.18
CA PRO A 70 -16.23 24.27 -16.57
C PRO A 70 -15.78 23.18 -17.55
N THR A 71 -16.54 23.00 -18.64
CA THR A 71 -16.17 21.99 -19.67
C THR A 71 -14.84 22.38 -20.31
N ASP A 72 -14.71 23.65 -20.72
CA ASP A 72 -13.46 24.13 -21.36
C ASP A 72 -12.89 23.00 -22.25
N PRO A 73 -13.66 22.46 -23.21
CA PRO A 73 -13.19 21.34 -24.03
C PRO A 73 -12.39 21.86 -25.24
N ASN A 74 -11.31 22.61 -24.98
CA ASN A 74 -10.45 23.13 -26.07
C ASN A 74 -9.00 22.73 -25.80
N PRO A 75 -8.65 21.43 -25.90
CA PRO A 75 -7.28 20.97 -25.59
C PRO A 75 -6.33 21.28 -26.77
N GLN A 76 -5.41 22.22 -26.57
CA GLN A 76 -4.43 22.58 -27.62
C GLN A 76 -3.05 22.06 -27.22
N GLU A 77 -2.21 21.69 -28.19
CA GLU A 77 -0.86 21.25 -27.88
C GLU A 77 0.15 22.26 -28.39
N MET A 78 1.31 22.30 -27.74
CA MET A 78 2.45 23.10 -28.17
C MET A 78 3.72 22.29 -28.04
N VAL A 79 4.76 22.68 -28.77
CA VAL A 79 6.06 22.03 -28.69
C VAL A 79 7.11 23.06 -28.30
N LEU A 80 8.02 22.67 -27.41
CA LEU A 80 9.08 23.54 -26.94
C LEU A 80 10.40 22.76 -26.88
N LYS A 81 11.49 23.51 -26.97
CA LYS A 81 12.83 22.97 -27.10
C LYS A 81 13.72 23.68 -26.06
N ASN A 82 14.92 23.14 -25.84
CA ASN A 82 15.92 23.57 -24.86
C ASN A 82 15.42 23.44 -23.42
N VAL A 83 14.87 22.29 -23.06
CA VAL A 83 14.49 22.01 -21.67
C VAL A 83 14.99 20.62 -21.30
N THR A 84 15.82 20.54 -20.27
CA THR A 84 16.16 19.25 -19.67
C THR A 84 16.35 19.45 -18.17
N GLU A 85 15.77 18.54 -17.39
CA GLU A 85 15.74 18.68 -15.94
C GLU A 85 15.41 17.32 -15.33
N ASN A 86 15.92 17.08 -14.13
CA ASN A 86 15.68 15.84 -13.40
C ASN A 86 14.22 15.81 -12.94
N PHE A 87 13.37 15.12 -13.70
CA PHE A 87 12.00 14.84 -13.28
C PHE A 87 11.99 13.72 -12.25
N ASN A 88 11.09 13.85 -11.28
CA ASN A 88 10.94 12.88 -10.18
C ASN A 88 9.45 12.61 -10.01
N MET A 89 8.99 11.46 -10.49
CA MET A 89 7.58 11.11 -10.35
C MET A 89 7.24 10.65 -8.94
N TRP A 90 8.20 10.12 -8.19
CA TRP A 90 7.90 9.67 -6.84
C TRP A 90 7.73 10.82 -5.86
N LYS A 91 8.46 11.91 -6.05
CA LYS A 91 8.43 13.04 -5.13
C LYS A 91 7.70 14.23 -5.72
N ASN A 92 6.74 13.99 -6.61
CA ASN A 92 6.00 15.07 -7.25
C ASN A 92 4.92 15.61 -6.31
N ASP A 93 4.16 16.59 -6.78
CA ASP A 93 3.31 17.38 -5.92
C ASP A 93 1.81 17.10 -6.06
N MET A 94 1.33 16.76 -7.24
CA MET A 94 -0.11 16.70 -7.49
C MET A 94 -0.72 15.31 -7.29
N VAL A 95 0.08 14.30 -6.96
CA VAL A 95 -0.51 12.99 -6.65
C VAL A 95 -1.26 13.02 -5.32
N ASP A 96 -0.74 13.74 -4.33
CA ASP A 96 -1.46 13.92 -3.07
C ASP A 96 -2.71 14.74 -3.27
N GLN A 97 -2.65 15.71 -4.19
CA GLN A 97 -3.81 16.51 -4.57
C GLN A 97 -4.90 15.64 -5.18
N MET A 98 -4.53 14.74 -6.08
CA MET A 98 -5.45 13.78 -6.68
C MET A 98 -6.05 12.86 -5.64
N HIS A 99 -5.22 12.32 -4.74
CA HIS A 99 -5.71 11.39 -3.73
C HIS A 99 -6.67 12.06 -2.75
N GLU A 100 -6.33 13.27 -2.31
CA GLU A 100 -7.18 13.99 -1.38
C GLU A 100 -8.52 14.37 -2.00
N ASP A 101 -8.52 14.82 -3.26
CA ASP A 101 -9.82 15.15 -3.85
C ASP A 101 -10.65 13.92 -4.22
N VAL A 102 -10.01 12.80 -4.59
CA VAL A 102 -10.78 11.59 -4.86
C VAL A 102 -11.44 11.06 -3.58
N ILE A 103 -10.67 11.00 -2.48
CA ILE A 103 -11.23 10.50 -1.23
C ILE A 103 -12.25 11.48 -0.66
N SER A 104 -12.02 12.79 -0.82
CA SER A 104 -13.00 13.76 -0.33
C SER A 104 -14.28 13.76 -1.16
N LEU A 105 -14.17 13.52 -2.47
CA LEU A 105 -15.36 13.39 -3.31
C LEU A 105 -16.15 12.14 -2.92
N TRP A 106 -15.45 11.04 -2.64
CA TRP A 106 -16.12 9.82 -2.22
C TRP A 106 -16.79 9.98 -0.86
N ASP A 107 -16.19 10.76 0.04
CA ASP A 107 -16.82 11.01 1.34
C ASP A 107 -18.02 11.94 1.21
N GLN A 108 -17.86 13.05 0.49
CA GLN A 108 -18.91 14.05 0.41
C GLN A 108 -20.01 13.69 -0.58
N SER A 109 -19.85 12.60 -1.33
CA SER A 109 -20.95 12.11 -2.15
C SER A 109 -22.02 11.37 -1.34
N LEU A 110 -21.78 11.10 -0.07
CA LEU A 110 -22.70 10.28 0.74
C LEU A 110 -23.31 11.01 1.92
N LYS A 111 -22.94 12.27 2.17
CA LYS A 111 -23.53 13.02 3.27
C LYS A 111 -25.04 13.24 3.16
N PRO A 112 -25.64 13.65 2.03
CA PRO A 112 -27.11 13.79 2.03
C PRO A 112 -27.87 12.47 1.95
N CYS A 113 -27.19 11.34 1.77
CA CYS A 113 -27.87 10.07 1.67
C CYS A 113 -28.27 9.57 3.06
N VAL A 114 -28.94 8.41 3.09
CA VAL A 114 -29.52 7.89 4.33
C VAL A 114 -28.44 7.29 5.21
N LYS A 115 -28.63 7.44 6.52
CA LYS A 115 -27.73 6.85 7.51
C LYS A 115 -28.27 5.49 7.90
N LEU A 116 -27.40 4.48 7.86
CA LEU A 116 -27.79 3.09 8.05
C LEU A 116 -27.77 2.67 9.51
N THR A 117 -27.21 3.52 10.38
CA THR A 117 -26.84 3.31 11.79
C THR A 117 -27.81 2.47 12.65
N PRO A 118 -29.18 2.61 12.56
CA PRO A 118 -30.02 1.73 13.40
C PRO A 118 -30.17 0.29 12.90
N LEU A 119 -29.32 -0.16 11.97
CA LEU A 119 -29.35 -1.56 11.54
C LEU A 119 -28.30 -2.42 12.25
N CYS A 120 -27.27 -1.83 12.85
CA CYS A 120 -26.21 -2.58 13.52
C CYS A 120 -26.78 -3.10 14.85
N VAL A 121 -27.49 -4.23 14.76
CA VAL A 121 -28.10 -4.88 15.91
C VAL A 121 -27.78 -6.38 15.86
N THR A 122 -28.36 -7.13 16.79
CA THR A 122 -28.13 -8.57 16.85
C THR A 122 -28.79 -9.27 15.66
N LEU A 123 -28.07 -10.20 15.06
CA LEU A 123 -28.55 -10.96 13.91
C LEU A 123 -28.63 -12.44 14.27
N ASN A 124 -29.85 -12.95 14.43
CA ASN A 124 -30.08 -14.36 14.68
C ASN A 124 -30.33 -15.05 13.35
N CYS A 125 -29.34 -15.76 12.84
CA CYS A 125 -29.41 -16.36 11.52
C CYS A 125 -29.36 -17.87 11.67
N THR A 126 -30.33 -18.57 11.09
CA THR A 126 -30.57 -19.98 11.40
C THR A 126 -30.03 -20.94 10.35
N ASN A 127 -30.37 -20.71 9.08
CA ASN A 127 -29.93 -21.53 7.92
C ASN A 127 -30.37 -22.98 8.05
N ALA A 128 -31.66 -23.19 8.34
CA ALA A 128 -32.17 -24.55 8.51
C ALA A 128 -32.26 -25.28 7.17
N THR A 129 -32.77 -24.61 6.14
CA THR A 129 -32.84 -25.19 4.81
C THR A 129 -31.57 -24.88 4.03
N ALA A 130 -31.42 -25.55 2.88
CA ALA A 130 -30.23 -25.37 2.03
C ALA A 130 -30.61 -25.71 0.58
N SER A 131 -30.86 -24.66 -0.21
CA SER A 131 -30.96 -24.85 -1.66
C SER A 131 -29.61 -25.23 -2.26
N ASN A 132 -28.53 -24.69 -1.70
CA ASN A 132 -27.18 -25.06 -2.05
C ASN A 132 -26.44 -25.37 -0.75
N SER A 133 -25.37 -26.17 -0.86
CA SER A 133 -24.65 -26.62 0.32
C SER A 133 -23.83 -25.51 0.97
N SER A 134 -23.41 -24.51 0.20
CA SER A 134 -22.55 -23.44 0.70
C SER A 134 -23.33 -22.24 1.22
N ILE A 135 -24.54 -22.46 1.72
CA ILE A 135 -25.38 -21.38 2.22
C ILE A 135 -25.60 -21.45 3.72
N ILE A 136 -25.24 -22.57 4.37
CA ILE A 136 -25.57 -22.78 5.78
C ILE A 136 -24.75 -21.90 6.73
N GLU A 137 -23.66 -21.28 6.25
CA GLU A 137 -22.83 -20.44 7.11
C GLU A 137 -23.32 -19.00 7.01
N GLY A 138 -24.35 -18.69 7.76
CA GLY A 138 -24.79 -17.32 8.00
C GLY A 138 -25.26 -16.55 6.78
N MET A 139 -25.98 -17.19 5.88
CA MET A 139 -26.45 -16.49 4.69
C MET A 139 -27.96 -16.36 4.62
N LYS A 140 -28.71 -17.46 4.61
CA LYS A 140 -30.12 -17.36 4.25
C LYS A 140 -30.99 -17.20 5.48
N ASN A 141 -32.06 -16.39 5.32
CA ASN A 141 -33.07 -16.12 6.33
C ASN A 141 -32.46 -15.56 7.62
N CYS A 142 -31.44 -14.72 7.47
CA CYS A 142 -30.77 -14.14 8.63
C CYS A 142 -31.69 -13.08 9.21
N SER A 143 -32.32 -13.39 10.34
CA SER A 143 -33.43 -12.61 10.85
C SER A 143 -33.00 -11.72 12.01
N PHE A 144 -33.70 -10.59 12.17
CA PHE A 144 -33.47 -9.68 13.28
C PHE A 144 -34.80 -9.17 13.79
N ASN A 145 -34.78 -8.78 15.07
CA ASN A 145 -35.89 -8.07 15.72
C ASN A 145 -35.70 -6.59 15.45
N ILE A 146 -36.52 -6.05 14.57
CA ILE A 146 -36.38 -4.66 14.15
C ILE A 146 -37.65 -3.89 14.52
N THR A 147 -37.47 -2.66 15.00
CA THR A 147 -38.56 -1.70 15.14
C THR A 147 -38.69 -0.94 13.82
N THR A 148 -39.75 -1.23 13.07
CA THR A 148 -39.91 -0.74 11.72
C THR A 148 -40.71 0.57 11.68
N GLU A 149 -41.16 0.93 10.48
CA GLU A 149 -41.88 2.18 10.25
C GLU A 149 -43.27 2.22 10.85
N LEU A 150 -43.86 1.06 11.17
CA LEU A 150 -45.24 0.98 11.61
C LEU A 150 -45.38 0.87 13.12
N ARG A 151 -44.31 1.19 13.85
CA ARG A 151 -44.27 1.27 15.32
C ARG A 151 -44.61 -0.07 15.97
N ASP A 152 -43.95 -1.12 15.50
CA ASP A 152 -43.96 -2.42 16.16
C ASP A 152 -42.53 -2.76 16.57
N LYS A 153 -42.34 -3.07 17.85
CA LYS A 153 -41.01 -3.05 18.45
C LYS A 153 -40.14 -4.24 18.03
N ARG A 154 -40.75 -5.38 17.72
CA ARG A 154 -40.01 -6.64 17.62
C ARG A 154 -40.42 -7.43 16.37
N GLU A 155 -40.41 -6.78 15.21
CA GLU A 155 -40.78 -7.53 14.01
C GLU A 155 -39.63 -8.42 13.55
N LYS A 156 -39.98 -9.66 13.20
CA LYS A 156 -39.06 -10.70 12.74
C LYS A 156 -38.82 -10.49 11.25
N LYS A 157 -37.78 -9.75 10.90
CA LYS A 157 -37.51 -9.49 9.49
C LYS A 157 -36.14 -10.03 9.12
N ASN A 158 -36.08 -10.77 8.02
CA ASN A 158 -34.86 -11.47 7.62
C ASN A 158 -34.27 -10.89 6.34
N ALA A 159 -33.02 -11.27 6.09
CA ALA A 159 -32.27 -10.81 4.94
C ALA A 159 -31.25 -11.86 4.55
N LEU A 160 -30.69 -11.68 3.35
CA LEU A 160 -29.62 -12.52 2.83
C LEU A 160 -28.32 -11.72 2.92
N PHE A 161 -27.27 -12.37 3.43
CA PHE A 161 -25.99 -11.71 3.58
C PHE A 161 -24.87 -12.67 3.19
N TYR A 162 -23.68 -12.11 2.99
CA TYR A 162 -22.53 -12.91 2.58
C TYR A 162 -21.66 -13.27 3.78
N LYS A 163 -21.11 -14.48 3.74
CA LYS A 163 -20.46 -15.07 4.91
C LYS A 163 -19.17 -14.37 5.30
N LEU A 164 -18.46 -13.77 4.35
CA LEU A 164 -17.30 -12.95 4.70
C LEU A 164 -17.70 -11.61 5.27
N ASP A 165 -18.91 -11.14 4.97
CA ASP A 165 -19.37 -9.83 5.38
C ASP A 165 -19.93 -9.89 6.81
N ILE A 166 -19.99 -11.09 7.40
CA ILE A 166 -20.62 -11.27 8.70
C ILE A 166 -19.58 -11.90 9.63
N VAL A 167 -19.73 -11.71 10.94
CA VAL A 167 -18.77 -12.24 11.91
C VAL A 167 -19.53 -12.91 13.04
N GLN A 168 -18.93 -13.96 13.59
CA GLN A 168 -19.52 -14.70 14.70
C GLN A 168 -19.24 -13.95 15.99
N LEU A 169 -20.30 -13.60 16.71
CA LEU A 169 -20.18 -12.92 17.98
C LEU A 169 -19.66 -13.88 19.04
N ASP A 170 -18.96 -13.33 20.03
CA ASP A 170 -18.21 -14.12 21.01
C ASP A 170 -19.20 -14.82 21.94
N GLY A 171 -19.60 -16.03 21.52
CA GLY A 171 -20.58 -16.83 22.22
C GLY A 171 -20.99 -18.01 21.37
N ASN A 172 -22.29 -18.24 21.26
CA ASN A 172 -22.80 -19.31 20.42
C ASN A 172 -22.74 -18.92 18.95
N SER A 173 -23.04 -19.88 18.08
CA SER A 173 -23.09 -19.65 16.64
C SER A 173 -24.45 -19.17 16.16
N SER A 174 -25.42 -19.02 17.06
CA SER A 174 -26.76 -18.63 16.68
C SER A 174 -26.91 -17.13 16.47
N GLN A 175 -25.89 -16.34 16.79
CA GLN A 175 -25.95 -14.90 16.63
C GLN A 175 -24.75 -14.43 15.82
N TYR A 176 -24.94 -13.33 15.10
CA TYR A 176 -23.96 -12.83 14.14
C TYR A 176 -23.97 -11.31 14.18
N ARG A 177 -22.91 -10.70 13.63
CA ARG A 177 -22.75 -9.26 13.72
C ARG A 177 -22.10 -8.75 12.43
N LEU A 178 -22.43 -7.51 12.07
CA LEU A 178 -21.87 -6.90 10.86
C LEU A 178 -20.40 -6.52 11.11
N ILE A 179 -19.53 -6.86 10.16
CA ILE A 179 -18.09 -6.73 10.38
C ILE A 179 -17.60 -5.29 10.37
N ASN A 180 -18.45 -4.34 10.01
CA ASN A 180 -17.97 -3.00 9.74
C ASN A 180 -18.41 -2.01 10.82
N CYS A 181 -19.61 -2.19 11.39
CA CYS A 181 -20.10 -1.28 12.42
C CYS A 181 -19.37 -1.41 13.75
N ASN A 182 -18.51 -2.42 13.90
CA ASN A 182 -17.57 -2.44 15.02
C ASN A 182 -16.55 -1.31 14.92
N THR A 183 -16.14 -0.95 13.70
CA THR A 183 -15.08 0.02 13.51
C THR A 183 -15.60 1.41 13.13
N SER A 184 -16.36 1.51 12.05
CA SER A 184 -16.80 2.81 11.55
C SER A 184 -18.30 2.77 11.27
N VAL A 185 -18.90 3.96 11.20
CA VAL A 185 -20.33 4.06 10.98
C VAL A 185 -20.65 3.73 9.52
N ILE A 186 -21.66 2.90 9.32
CA ILE A 186 -22.04 2.43 7.99
C ILE A 186 -23.12 3.34 7.43
N THR A 187 -23.10 3.52 6.11
CA THR A 187 -24.01 4.43 5.43
C THR A 187 -24.44 3.80 4.11
N GLN A 188 -25.75 3.72 3.88
CA GLN A 188 -26.27 3.19 2.64
C GLN A 188 -25.99 4.15 1.49
N ALA A 189 -25.73 3.60 0.31
CA ALA A 189 -25.54 4.39 -0.89
C ALA A 189 -26.89 4.61 -1.57
N CYS A 190 -27.15 5.86 -1.96
CA CYS A 190 -28.38 6.20 -2.64
C CYS A 190 -28.33 5.69 -4.09
N PRO A 191 -29.50 5.55 -4.74
CA PRO A 191 -29.50 5.27 -6.19
C PRO A 191 -28.95 6.42 -7.03
N LYS A 192 -28.91 7.64 -6.50
CA LYS A 192 -28.45 8.81 -7.25
C LYS A 192 -26.93 8.89 -7.37
N VAL A 193 -26.20 8.09 -6.60
CA VAL A 193 -24.74 8.16 -6.59
C VAL A 193 -24.12 7.03 -7.43
N SER A 194 -24.91 6.46 -8.35
CA SER A 194 -24.42 5.40 -9.24
C SER A 194 -23.33 5.93 -10.15
N PHE A 195 -22.16 5.30 -10.09
CA PHE A 195 -20.92 5.89 -10.57
C PHE A 195 -20.36 5.15 -11.77
N ASP A 196 -19.77 5.91 -12.68
CA ASP A 196 -18.95 5.46 -13.79
C ASP A 196 -17.68 6.28 -13.77
N PRO A 197 -16.60 5.78 -14.35
CA PRO A 197 -15.39 6.62 -14.47
C PRO A 197 -15.56 7.73 -15.50
N ILE A 198 -15.64 8.98 -15.02
CA ILE A 198 -15.63 10.15 -15.91
C ILE A 198 -14.18 10.48 -16.22
N PRO A 199 -13.80 10.65 -17.49
CA PRO A 199 -12.42 11.03 -17.80
C PRO A 199 -12.11 12.46 -17.38
N ILE A 200 -11.77 12.64 -16.11
CA ILE A 200 -11.61 13.96 -15.53
C ILE A 200 -10.38 14.66 -16.12
N HIS A 201 -10.40 15.99 -16.11
CA HIS A 201 -9.35 16.81 -16.66
C HIS A 201 -8.89 17.83 -15.63
N TYR A 202 -7.58 18.04 -15.55
CA TYR A 202 -6.98 19.02 -14.66
C TYR A 202 -6.49 20.22 -15.46
N CYS A 203 -6.85 21.42 -15.02
CA CYS A 203 -6.41 22.65 -15.65
C CYS A 203 -5.73 23.54 -14.62
N ALA A 204 -4.56 24.07 -14.99
CA ALA A 204 -3.81 24.96 -14.12
C ALA A 204 -4.40 26.37 -14.16
N PRO A 205 -4.32 27.13 -13.05
CA PRO A 205 -4.84 28.50 -13.07
C PRO A 205 -3.91 29.49 -13.77
N ALA A 206 -4.26 30.77 -13.74
CA ALA A 206 -3.44 31.79 -14.38
C ALA A 206 -2.12 31.98 -13.63
N GLY A 207 -1.05 32.18 -14.40
CA GLY A 207 0.27 32.32 -13.83
C GLY A 207 1.01 31.01 -13.62
N TYR A 208 0.41 29.87 -13.97
CA TYR A 208 1.02 28.57 -13.80
C TYR A 208 0.98 27.81 -15.11
N ALA A 209 1.88 26.84 -15.24
CA ALA A 209 1.95 26.02 -16.44
C ALA A 209 2.34 24.60 -16.05
N ILE A 210 2.03 23.65 -16.93
CA ILE A 210 2.30 22.25 -16.72
C ILE A 210 3.09 21.71 -17.90
N LEU A 211 3.98 20.74 -17.63
CA LEU A 211 4.86 20.23 -18.71
C LEU A 211 4.88 18.70 -18.72
N LYS A 212 4.40 18.09 -19.80
CA LYS A 212 4.48 16.60 -19.93
C LYS A 212 5.58 16.30 -20.94
N CYS A 213 6.66 15.64 -20.52
CA CYS A 213 7.79 15.45 -21.48
C CYS A 213 7.39 14.50 -22.61
N ASN A 214 7.73 14.87 -23.84
CA ASN A 214 7.34 14.06 -25.03
C ASN A 214 7.98 12.67 -24.93
N ASN A 215 9.29 12.61 -24.68
CA ASN A 215 9.99 11.29 -24.65
C ASN A 215 9.11 10.27 -23.93
N LYS A 216 8.64 9.25 -24.65
CA LYS A 216 7.78 8.20 -24.04
C LYS A 216 8.65 7.25 -23.23
N THR A 217 9.87 6.98 -23.68
CA THR A 217 10.77 6.02 -22.98
C THR A 217 11.15 6.58 -21.60
N PHE A 218 10.95 7.88 -21.38
CA PHE A 218 11.35 8.50 -20.10
C PHE A 218 10.83 7.65 -18.93
N THR A 219 11.69 7.34 -17.97
CA THR A 219 11.30 6.48 -16.82
C THR A 219 10.69 7.36 -15.72
N GLY A 220 10.62 8.68 -15.95
CA GLY A 220 10.01 9.58 -14.96
C GLY A 220 10.98 9.85 -13.81
N THR A 221 12.24 9.46 -13.97
CA THR A 221 13.27 9.72 -12.92
C THR A 221 14.59 10.08 -13.60
N GLY A 222 14.78 11.37 -13.94
CA GLY A 222 15.99 11.79 -14.61
C GLY A 222 15.78 12.90 -15.63
N PRO A 223 16.80 13.15 -16.46
CA PRO A 223 16.71 14.24 -17.44
C PRO A 223 15.92 13.81 -18.67
N CYS A 224 14.83 14.52 -18.95
CA CYS A 224 14.06 14.27 -20.15
C CYS A 224 14.48 15.24 -21.25
N ASN A 225 13.67 15.37 -22.29
CA ASN A 225 14.05 16.03 -23.53
C ASN A 225 12.88 16.92 -23.94
N ASN A 226 12.83 17.26 -25.25
CA ASN A 226 11.92 18.25 -25.83
C ASN A 226 10.47 18.06 -25.39
N VAL A 227 9.84 19.17 -25.01
CA VAL A 227 8.65 19.15 -24.15
C VAL A 227 7.44 19.52 -24.97
N SER A 228 6.46 18.63 -25.01
CA SER A 228 5.12 19.00 -25.44
C SER A 228 4.44 19.67 -24.24
N THR A 229 3.92 20.86 -24.46
CA THR A 229 3.33 21.67 -23.41
C THR A 229 1.85 21.90 -23.71
N VAL A 230 1.01 21.63 -22.71
CA VAL A 230 -0.43 21.86 -22.80
C VAL A 230 -0.85 22.68 -21.59
N GLN A 231 -2.10 23.11 -21.59
CA GLN A 231 -2.70 23.73 -20.42
C GLN A 231 -3.53 22.76 -19.61
N CYS A 232 -4.07 21.72 -20.25
CA CYS A 232 -4.81 20.68 -19.56
C CYS A 232 -4.39 19.31 -20.09
N THR A 233 -4.23 18.36 -19.19
CA THR A 233 -3.77 17.02 -19.55
C THR A 233 -4.88 16.22 -20.21
N HIS A 234 -4.52 15.05 -20.72
CA HIS A 234 -5.53 14.12 -21.19
C HIS A 234 -6.25 13.50 -20.01
N GLY A 235 -7.42 12.94 -20.29
CA GLY A 235 -8.32 12.41 -19.28
C GLY A 235 -7.77 11.27 -18.45
N ILE A 236 -7.91 11.39 -17.12
CA ILE A 236 -7.54 10.33 -16.19
C ILE A 236 -8.81 9.87 -15.50
N LYS A 237 -9.10 8.59 -15.62
CA LYS A 237 -10.35 8.15 -14.99
C LYS A 237 -10.09 7.70 -13.57
N PRO A 238 -10.86 8.19 -12.59
CA PRO A 238 -10.64 7.81 -11.19
C PRO A 238 -11.21 6.43 -10.86
N VAL A 239 -10.54 5.41 -11.37
CA VAL A 239 -10.89 4.03 -11.07
C VAL A 239 -9.95 3.53 -9.98
N VAL A 240 -10.51 2.81 -9.02
CA VAL A 240 -9.73 2.23 -7.93
C VAL A 240 -9.50 0.76 -8.24
N SER A 241 -8.26 0.31 -8.06
CA SER A 241 -7.91 -1.07 -8.38
C SER A 241 -6.71 -1.48 -7.55
N THR A 242 -6.55 -2.79 -7.41
CA THR A 242 -5.41 -3.40 -6.73
C THR A 242 -4.76 -4.40 -7.67
N GLN A 243 -3.42 -4.42 -7.67
CA GLN A 243 -2.57 -5.36 -8.39
C GLN A 243 -2.71 -5.35 -9.92
N LEU A 244 -3.54 -4.48 -10.47
CA LEU A 244 -3.80 -4.43 -11.90
C LEU A 244 -4.31 -3.04 -12.24
N LEU A 245 -4.17 -2.69 -13.52
CA LEU A 245 -4.71 -1.44 -14.05
C LEU A 245 -5.71 -1.78 -15.13
N LEU A 246 -6.94 -1.32 -14.95
CA LEU A 246 -8.00 -1.59 -15.91
C LEU A 246 -8.56 -0.27 -16.43
N ASN A 247 -8.96 -0.30 -17.71
CA ASN A 247 -9.37 0.88 -18.48
C ASN A 247 -8.29 1.97 -18.44
N GLY A 248 -7.04 1.56 -18.60
CA GLY A 248 -5.91 2.46 -18.51
C GLY A 248 -5.54 3.08 -19.85
N SER A 249 -4.30 3.57 -19.91
CA SER A 249 -3.76 4.19 -21.10
C SER A 249 -2.63 3.32 -21.65
N LEU A 250 -2.63 3.11 -22.96
CA LEU A 250 -1.71 2.19 -23.60
C LEU A 250 -0.31 2.78 -23.69
N ALA A 251 0.63 1.99 -24.20
CA ALA A 251 2.01 2.38 -24.36
C ALA A 251 2.28 2.87 -25.79
N GLU A 252 3.57 3.05 -26.10
CA GLU A 252 4.01 3.66 -27.35
C GLU A 252 4.25 2.68 -28.48
N GLY A 253 4.22 1.37 -28.21
CA GLY A 253 4.58 0.40 -29.21
C GLY A 253 5.33 -0.80 -28.65
N GLU A 254 6.02 -0.61 -27.53
CA GLU A 254 6.58 -1.71 -26.77
C GLU A 254 6.38 -1.43 -25.29
N ILE A 255 6.51 -2.47 -24.47
CA ILE A 255 6.28 -2.32 -23.00
C ILE A 255 7.45 -1.55 -22.39
N ILE A 256 7.26 -1.01 -21.18
CA ILE A 256 8.34 -0.22 -20.50
C ILE A 256 8.32 -0.54 -19.01
N ILE A 257 9.41 -0.22 -18.30
CA ILE A 257 9.49 -0.47 -16.83
C ILE A 257 9.92 0.82 -16.15
N ARG A 258 9.09 1.37 -15.27
CA ARG A 258 9.40 2.68 -14.65
C ARG A 258 9.45 2.55 -13.12
N SER A 259 10.20 3.43 -12.46
CA SER A 259 10.34 3.40 -10.98
C SER A 259 11.38 4.44 -10.55
N GLU A 260 12.00 4.25 -9.38
CA GLU A 260 13.07 5.16 -8.93
C GLU A 260 14.38 4.76 -9.62
N ASN A 261 15.40 5.62 -9.54
CA ASN A 261 16.70 5.33 -10.19
C ASN A 261 17.20 3.95 -9.74
N ILE A 262 17.75 3.16 -10.67
CA ILE A 262 18.19 1.78 -10.34
C ILE A 262 19.32 1.84 -9.29
N THR A 263 19.97 2.99 -9.17
CA THR A 263 21.03 3.15 -8.14
C THR A 263 20.47 2.78 -6.77
N ASN A 264 19.20 3.12 -6.52
CA ASN A 264 18.56 2.80 -5.21
C ASN A 264 17.91 1.42 -5.30
N ASN A 265 17.50 0.86 -4.15
CA ASN A 265 16.86 -0.48 -4.13
C ASN A 265 15.37 -0.33 -4.47
N VAL A 266 15.03 -0.32 -5.76
CA VAL A 266 13.61 -0.10 -6.18
C VAL A 266 12.72 -1.18 -5.55
N LYS A 267 11.49 -0.80 -5.18
CA LYS A 267 10.55 -1.77 -4.56
C LYS A 267 9.24 -1.78 -5.36
N THR A 268 8.57 -0.62 -5.45
CA THR A 268 7.30 -0.52 -6.20
C THR A 268 7.61 -0.27 -7.69
N ILE A 269 7.33 -1.25 -8.55
CA ILE A 269 7.64 -1.12 -10.00
C ILE A 269 6.31 -1.07 -10.78
N ILE A 270 6.07 0.02 -11.51
CA ILE A 270 4.85 0.13 -12.34
C ILE A 270 5.20 -0.27 -13.77
N VAL A 271 4.57 -1.33 -14.30
CA VAL A 271 4.90 -1.82 -15.66
C VAL A 271 3.76 -1.47 -16.62
N HIS A 272 4.08 -0.72 -17.68
CA HIS A 272 3.05 -0.37 -18.71
C HIS A 272 3.20 -1.33 -19.89
N LEU A 273 2.11 -1.61 -20.60
CA LEU A 273 2.17 -2.61 -21.70
C LEU A 273 1.66 -1.99 -23.01
N ASN A 274 2.15 -2.48 -24.15
CA ASN A 274 1.70 -2.00 -25.45
C ASN A 274 0.57 -2.84 -26.01
N GLU A 275 0.47 -4.10 -25.62
CA GLU A 275 -0.59 -4.99 -26.06
C GLU A 275 -1.66 -5.04 -24.98
N SER A 276 -2.81 -4.43 -25.26
CA SER A 276 -3.92 -4.48 -24.32
C SER A 276 -4.55 -5.88 -24.35
N VAL A 277 -4.90 -6.38 -23.17
CA VAL A 277 -5.47 -7.71 -23.01
C VAL A 277 -6.87 -7.58 -22.46
N LYS A 278 -7.84 -8.17 -23.14
CA LYS A 278 -9.22 -8.13 -22.69
C LYS A 278 -9.43 -9.03 -21.48
N ILE A 279 -10.23 -8.56 -20.53
CA ILE A 279 -10.63 -9.32 -19.36
C ILE A 279 -12.14 -9.24 -19.24
N GLU A 280 -12.78 -10.39 -19.02
CA GLU A 280 -14.21 -10.46 -18.77
C GLU A 280 -14.46 -11.08 -17.40
N CYS A 281 -15.32 -10.44 -16.62
CA CYS A 281 -15.67 -10.92 -15.28
C CYS A 281 -17.19 -10.89 -15.17
N THR A 282 -17.79 -11.98 -14.70
CA THR A 282 -19.23 -12.08 -14.72
C THR A 282 -19.76 -12.85 -13.52
N ARG A 283 -20.99 -12.50 -13.14
CA ARG A 283 -21.81 -13.24 -12.20
C ARG A 283 -23.11 -13.65 -12.88
N PRO A 284 -23.52 -14.91 -12.75
CA PRO A 284 -24.63 -15.44 -13.58
C PRO A 284 -25.99 -15.46 -12.92
N ASN A 285 -26.17 -14.88 -11.74
CA ASN A 285 -27.37 -15.08 -10.94
C ASN A 285 -28.23 -13.82 -10.93
N ASN A 286 -29.51 -13.97 -11.28
CA ASN A 286 -30.48 -12.92 -11.05
C ASN A 286 -30.82 -12.87 -9.56
N LYS A 287 -31.06 -11.66 -9.06
CA LYS A 287 -31.22 -11.46 -7.62
C LYS A 287 -32.54 -10.75 -7.35
N THR A 288 -33.08 -10.98 -6.16
CA THR A 288 -34.31 -10.34 -5.72
C THR A 288 -33.98 -9.18 -4.80
N ARG A 289 -34.60 -8.04 -5.05
CA ARG A 289 -34.36 -6.81 -4.32
C ARG A 289 -35.58 -6.53 -3.45
N THR A 290 -35.39 -6.45 -2.13
CA THR A 290 -36.49 -6.19 -1.22
C THR A 290 -36.24 -4.90 -0.46
N SER A 291 -37.31 -4.35 0.11
CA SER A 291 -37.27 -3.08 0.80
C SER A 291 -37.65 -3.25 2.26
N ILE A 292 -36.78 -2.80 3.15
CA ILE A 292 -37.05 -2.76 4.58
C ILE A 292 -36.91 -1.31 5.02
N ARG A 293 -38.02 -0.70 5.43
CA ARG A 293 -38.00 0.71 5.79
C ARG A 293 -37.41 0.89 7.17
N ILE A 294 -36.26 1.57 7.24
CA ILE A 294 -35.62 1.86 8.51
C ILE A 294 -35.45 3.36 8.76
N GLY A 295 -35.42 4.19 7.72
CA GLY A 295 -35.37 5.63 7.89
C GLY A 295 -36.73 6.26 7.74
N PRO A 296 -36.89 7.49 8.25
CA PRO A 296 -38.19 8.15 8.17
C PRO A 296 -38.52 8.64 6.77
N GLY A 297 -39.43 7.93 6.09
CA GLY A 297 -39.86 8.29 4.76
C GLY A 297 -38.98 7.80 3.63
N GLN A 298 -37.85 7.17 3.93
CA GLN A 298 -36.93 6.66 2.91
C GLN A 298 -36.80 5.15 3.07
N TRP A 299 -35.98 4.56 2.18
CA TRP A 299 -35.93 3.11 2.03
C TRP A 299 -34.52 2.58 2.24
N PHE A 300 -34.46 1.36 2.78
CA PHE A 300 -33.25 0.54 2.76
C PHE A 300 -33.50 -0.70 1.92
N TYR A 301 -32.56 -1.02 1.05
CA TYR A 301 -32.69 -2.14 0.13
C TYR A 301 -31.82 -3.30 0.60
N ALA A 302 -32.42 -4.49 0.67
CA ALA A 302 -31.72 -5.69 1.07
C ALA A 302 -31.92 -6.77 0.02
N THR A 303 -31.21 -7.88 0.21
CA THR A 303 -31.17 -8.95 -0.77
C THR A 303 -32.27 -9.96 -0.48
N GLY A 304 -33.06 -10.29 -1.50
CA GLY A 304 -34.06 -11.32 -1.37
C GLY A 304 -33.47 -12.70 -1.65
N GLN A 305 -34.11 -13.46 -2.53
CA GLN A 305 -33.66 -14.79 -2.86
C GLN A 305 -32.90 -14.79 -4.19
N VAL A 306 -32.03 -15.77 -4.35
CA VAL A 306 -31.23 -15.89 -5.57
C VAL A 306 -32.04 -16.64 -6.63
N ILE A 307 -32.10 -16.06 -7.83
CA ILE A 307 -32.86 -16.61 -8.94
C ILE A 307 -31.87 -17.21 -9.94
N GLY A 308 -32.06 -18.48 -10.26
CA GLY A 308 -31.21 -19.19 -11.19
C GLY A 308 -30.22 -20.10 -10.49
N ASP A 309 -29.46 -20.81 -11.32
CA ASP A 309 -28.38 -21.66 -10.80
C ASP A 309 -27.27 -20.80 -10.22
N ILE A 310 -26.86 -21.13 -9.00
CA ILE A 310 -26.00 -20.25 -8.21
C ILE A 310 -24.54 -20.70 -8.36
N ARG A 311 -23.69 -19.74 -8.73
CA ARG A 311 -22.25 -19.87 -8.73
C ARG A 311 -21.66 -18.55 -8.25
N GLU A 312 -20.37 -18.58 -7.93
CA GLU A 312 -19.66 -17.36 -7.56
C GLU A 312 -19.26 -16.61 -8.84
N ALA A 313 -18.62 -15.45 -8.67
CA ALA A 313 -18.16 -14.69 -9.82
C ALA A 313 -16.97 -15.39 -10.47
N TYR A 314 -16.85 -15.24 -11.79
CA TYR A 314 -15.76 -15.89 -12.50
C TYR A 314 -15.25 -14.99 -13.61
N CYS A 315 -13.94 -15.07 -13.84
CA CYS A 315 -13.29 -14.24 -14.85
C CYS A 315 -12.46 -15.10 -15.79
N ASN A 316 -12.33 -14.62 -17.02
CA ASN A 316 -11.62 -15.34 -18.07
C ASN A 316 -10.48 -14.49 -18.65
N ILE A 317 -9.33 -15.13 -18.82
CA ILE A 317 -8.16 -14.52 -19.43
C ILE A 317 -7.70 -15.42 -20.58
N ASN A 318 -7.42 -14.82 -21.74
CA ASN A 318 -6.86 -15.56 -22.85
C ASN A 318 -5.45 -16.01 -22.51
N GLU A 319 -5.17 -17.31 -22.70
CA GLU A 319 -3.92 -17.89 -22.24
C GLU A 319 -2.74 -17.42 -23.09
N SER A 320 -2.92 -17.33 -24.41
CA SER A 320 -1.81 -17.02 -25.30
C SER A 320 -1.32 -15.59 -25.11
N LYS A 321 -2.24 -14.64 -25.01
CA LYS A 321 -1.86 -13.25 -24.77
C LYS A 321 -1.25 -13.06 -23.40
N TRP A 322 -1.75 -13.77 -22.39
CA TRP A 322 -1.18 -13.69 -21.05
C TRP A 322 0.22 -14.27 -20.99
N ASN A 323 0.43 -15.41 -21.65
CA ASN A 323 1.76 -16.04 -21.68
C ASN A 323 2.76 -15.20 -22.43
N GLU A 324 2.36 -14.64 -23.59
CA GLU A 324 3.24 -13.75 -24.34
C GLU A 324 3.51 -12.45 -23.58
N THR A 325 2.52 -11.95 -22.85
CA THR A 325 2.68 -10.75 -22.05
C THR A 325 3.69 -10.95 -20.94
N LEU A 326 3.57 -12.06 -20.21
CA LEU A 326 4.53 -12.34 -19.15
C LEU A 326 5.91 -12.69 -19.72
N GLN A 327 5.96 -13.29 -20.91
CA GLN A 327 7.24 -13.55 -21.55
C GLN A 327 7.96 -12.26 -21.92
N ARG A 328 7.23 -11.29 -22.47
CA ARG A 328 7.83 -10.01 -22.82
C ARG A 328 8.21 -9.22 -21.57
N VAL A 329 7.40 -9.29 -20.51
CA VAL A 329 7.70 -8.61 -19.26
C VAL A 329 8.97 -9.18 -18.62
N SER A 330 9.11 -10.51 -18.66
CA SER A 330 10.34 -11.13 -18.16
C SER A 330 11.55 -10.79 -19.02
N LYS A 331 11.38 -10.79 -20.34
CA LYS A 331 12.53 -10.58 -21.21
C LYS A 331 12.94 -9.11 -21.31
N LYS A 332 12.08 -8.18 -20.90
CA LYS A 332 12.55 -6.80 -20.78
C LYS A 332 12.98 -6.48 -19.35
N LEU A 333 12.38 -7.14 -18.36
CA LEU A 333 12.79 -6.93 -16.98
C LEU A 333 14.16 -7.56 -16.70
N LYS A 334 14.64 -8.44 -17.59
CA LYS A 334 15.95 -9.04 -17.43
C LYS A 334 17.07 -8.01 -17.59
N GLU A 335 16.92 -7.04 -18.49
CA GLU A 335 18.03 -6.11 -18.71
C GLU A 335 18.15 -5.09 -17.58
N TYR A 336 17.11 -4.93 -16.76
CA TYR A 336 17.26 -4.14 -15.54
C TYR A 336 18.16 -4.85 -14.53
N PHE A 337 18.07 -6.17 -14.44
CA PHE A 337 18.80 -6.96 -13.45
C PHE A 337 19.54 -8.08 -14.17
N PRO A 338 20.59 -7.76 -14.92
CA PRO A 338 21.17 -8.76 -15.83
C PRO A 338 22.18 -9.69 -15.17
N HIS A 339 21.83 -10.23 -14.02
CA HIS A 339 22.77 -11.12 -13.35
C HIS A 339 22.14 -12.43 -12.90
N LYS A 340 20.88 -12.41 -12.49
CA LYS A 340 20.30 -13.55 -11.80
C LYS A 340 18.88 -13.79 -12.30
N ASN A 341 18.29 -14.90 -11.82
CA ASN A 341 16.94 -15.30 -12.22
C ASN A 341 15.90 -14.38 -11.59
N ILE A 342 14.75 -14.30 -12.23
CA ILE A 342 13.61 -13.57 -11.72
C ILE A 342 12.42 -14.51 -11.64
N THR A 343 11.53 -14.25 -10.68
CA THR A 343 10.37 -15.11 -10.53
C THR A 343 9.20 -14.31 -9.98
N PHE A 344 8.01 -14.87 -10.17
CA PHE A 344 6.76 -14.28 -9.71
C PHE A 344 6.12 -15.18 -8.66
N GLN A 345 5.53 -14.56 -7.65
CA GLN A 345 4.90 -15.24 -6.53
C GLN A 345 3.59 -14.55 -6.21
N PRO A 346 2.58 -15.30 -5.76
CA PRO A 346 1.35 -14.65 -5.27
C PRO A 346 1.61 -13.89 -3.98
N SER A 347 0.74 -12.92 -3.72
CA SER A 347 0.92 -12.02 -2.58
C SER A 347 0.66 -12.73 -1.26
N SER A 348 1.36 -12.27 -0.23
CA SER A 348 1.19 -12.81 1.11
C SER A 348 -0.06 -12.24 1.76
N GLY A 349 -0.38 -12.73 2.96
CA GLY A 349 -1.61 -12.38 3.63
C GLY A 349 -1.54 -11.06 4.38
N GLY A 350 -2.58 -10.82 5.16
CA GLY A 350 -2.66 -9.68 6.04
C GLY A 350 -4.02 -8.99 6.03
N ASP A 351 -4.63 -8.92 4.85
CA ASP A 351 -6.00 -8.46 4.68
C ASP A 351 -6.49 -8.94 3.32
N LEU A 352 -7.74 -8.59 3.00
CA LEU A 352 -8.37 -9.11 1.80
C LEU A 352 -7.89 -8.41 0.53
N GLU A 353 -7.47 -7.15 0.63
CA GLU A 353 -7.19 -6.36 -0.56
C GLU A 353 -5.89 -6.77 -1.23
N ILE A 354 -4.86 -7.09 -0.44
CA ILE A 354 -3.58 -7.45 -1.05
C ILE A 354 -3.63 -8.88 -1.59
N THR A 355 -4.48 -9.72 -1.02
CA THR A 355 -4.54 -11.11 -1.42
C THR A 355 -5.40 -11.33 -2.65
N THR A 356 -6.15 -10.32 -3.07
CA THR A 356 -7.10 -10.46 -4.16
C THR A 356 -6.88 -9.35 -5.17
N HIS A 357 -7.37 -9.58 -6.38
CA HIS A 357 -7.57 -8.49 -7.33
C HIS A 357 -8.91 -7.85 -7.01
N SER A 358 -8.90 -6.61 -6.53
CA SER A 358 -10.10 -5.94 -6.06
C SER A 358 -10.48 -4.83 -7.04
N PHE A 359 -11.71 -4.87 -7.51
CA PHE A 359 -12.21 -3.84 -8.41
C PHE A 359 -13.72 -3.73 -8.23
N ASN A 360 -14.36 -2.90 -9.05
CA ASN A 360 -15.81 -2.79 -9.00
C ASN A 360 -16.40 -2.76 -10.40
N CYS A 361 -17.58 -3.35 -10.54
CA CYS A 361 -18.34 -3.34 -11.78
C CYS A 361 -19.82 -3.31 -11.42
N GLY A 362 -20.56 -2.41 -12.07
CA GLY A 362 -21.99 -2.32 -11.89
C GLY A 362 -22.45 -1.94 -10.50
N GLY A 363 -21.60 -1.30 -9.71
CA GLY A 363 -21.91 -1.03 -8.33
C GLY A 363 -21.68 -2.18 -7.38
N GLU A 364 -20.97 -3.22 -7.81
CA GLU A 364 -20.62 -4.34 -6.95
C GLU A 364 -19.11 -4.55 -6.94
N PHE A 365 -18.58 -4.87 -5.77
CA PHE A 365 -17.14 -5.01 -5.57
C PHE A 365 -16.74 -6.48 -5.71
N PHE A 366 -15.69 -6.73 -6.49
CA PHE A 366 -15.23 -8.07 -6.82
C PHE A 366 -13.82 -8.28 -6.29
N TYR A 367 -13.61 -9.40 -5.61
CA TYR A 367 -12.32 -9.85 -5.09
C TYR A 367 -11.98 -11.17 -5.79
N CYS A 368 -11.09 -11.13 -6.78
CA CYS A 368 -10.75 -12.33 -7.50
C CYS A 368 -9.44 -12.92 -6.97
N ASN A 369 -9.32 -14.26 -6.98
CA ASN A 369 -8.16 -14.93 -6.35
C ASN A 369 -6.85 -14.48 -6.95
N THR A 370 -6.66 -14.72 -8.24
CA THR A 370 -5.45 -14.33 -9.00
C THR A 370 -4.14 -14.94 -8.48
N SER A 371 -4.19 -16.00 -7.68
CA SER A 371 -2.96 -16.61 -7.15
C SER A 371 -2.26 -17.44 -8.21
N SER A 372 -3.02 -18.14 -9.06
CA SER A 372 -2.43 -19.00 -10.08
C SER A 372 -1.91 -18.20 -11.27
N LEU A 373 -2.22 -16.91 -11.36
CA LEU A 373 -1.76 -16.09 -12.47
C LEU A 373 -0.31 -15.63 -12.31
N PHE A 374 0.31 -15.85 -11.16
CA PHE A 374 1.65 -15.36 -10.88
C PHE A 374 2.51 -16.45 -10.26
N ASN A 375 2.43 -17.67 -10.78
CA ASN A 375 3.24 -18.77 -10.28
C ASN A 375 4.36 -19.15 -11.24
N ARG A 376 4.60 -18.36 -12.28
CA ARG A 376 5.62 -18.68 -13.26
C ARG A 376 7.02 -18.40 -12.72
N THR A 377 7.99 -19.15 -13.27
CA THR A 377 9.40 -18.97 -12.94
C THR A 377 10.19 -19.10 -14.23
N TYR A 378 11.14 -18.20 -14.45
CA TYR A 378 11.88 -18.13 -15.69
C TYR A 378 13.34 -18.49 -15.47
N MET A 379 14.10 -18.50 -16.57
CA MET A 379 15.49 -18.94 -16.58
C MET A 379 16.39 -17.81 -17.04
N ALA A 380 17.60 -17.79 -16.47
CA ALA A 380 18.60 -16.77 -16.76
C ALA A 380 19.58 -17.28 -17.81
N ASN A 381 20.63 -16.49 -18.05
CA ASN A 381 21.69 -16.74 -19.05
C ASN A 381 21.14 -16.97 -20.46
N ASN A 392 -5.32 -15.33 -32.06
CA ASN A 392 -4.36 -15.71 -31.02
C ASN A 392 -5.05 -15.82 -29.65
N SER A 393 -6.00 -16.74 -29.55
CA SER A 393 -6.71 -16.97 -28.29
C SER A 393 -7.25 -18.39 -28.31
N THR A 394 -6.65 -19.27 -27.51
CA THR A 394 -7.15 -20.63 -27.35
C THR A 394 -6.82 -21.12 -25.94
N ARG A 395 -7.66 -22.03 -25.44
CA ARG A 395 -7.56 -22.67 -24.12
C ARG A 395 -7.52 -21.62 -23.00
N THR A 396 -8.62 -20.88 -22.88
CA THR A 396 -8.68 -19.74 -21.96
C THR A 396 -8.66 -20.20 -20.51
N ILE A 397 -7.98 -19.42 -19.66
CA ILE A 397 -7.83 -19.73 -18.25
C ILE A 397 -8.89 -18.96 -17.46
N THR A 398 -9.40 -19.59 -16.40
CA THR A 398 -10.48 -19.02 -15.60
C THR A 398 -10.01 -18.83 -14.17
N ILE A 399 -10.63 -17.89 -13.47
CA ILE A 399 -10.32 -17.64 -12.06
C ILE A 399 -11.62 -17.37 -11.31
N HIS A 400 -11.71 -17.90 -10.09
CA HIS A 400 -12.80 -17.61 -9.19
C HIS A 400 -12.72 -16.19 -8.68
N CYS A 401 -13.85 -15.68 -8.22
CA CYS A 401 -13.94 -14.29 -7.78
C CYS A 401 -15.13 -14.18 -6.83
N ARG A 402 -14.87 -13.93 -5.56
CA ARG A 402 -15.90 -13.70 -4.57
C ARG A 402 -16.38 -12.25 -4.68
N ILE A 403 -17.64 -12.02 -4.34
CA ILE A 403 -18.23 -10.69 -4.42
C ILE A 403 -18.42 -10.16 -3.01
N LYS A 404 -18.62 -8.84 -2.92
CA LYS A 404 -18.78 -8.19 -1.63
C LYS A 404 -19.94 -7.20 -1.69
N GLN A 405 -20.52 -6.92 -0.53
CA GLN A 405 -21.54 -5.90 -0.40
C GLN A 405 -21.09 -4.73 0.46
N ILE A 406 -20.67 -4.99 1.69
CA ILE A 406 -20.25 -3.92 2.60
C ILE A 406 -18.73 -3.80 2.52
N ILE A 407 -18.25 -2.64 2.12
CA ILE A 407 -16.82 -2.36 2.03
C ILE A 407 -16.47 -1.42 3.17
N ASN A 408 -15.27 -1.59 3.73
CA ASN A 408 -14.76 -0.63 4.70
C ASN A 408 -14.48 0.73 4.07
N MET A 409 -14.24 0.75 2.76
CA MET A 409 -13.98 1.93 1.91
C MET A 409 -12.73 2.60 2.51
N TRP A 410 -12.74 3.91 2.77
CA TRP A 410 -11.53 4.59 3.23
C TRP A 410 -11.94 5.63 4.25
N GLN A 411 -10.96 6.41 4.74
CA GLN A 411 -11.10 7.39 5.80
C GLN A 411 -11.69 6.77 7.06
N GLU A 412 -10.91 5.91 7.73
CA GLU A 412 -11.35 5.28 8.97
C GLU A 412 -11.62 6.29 10.09
N VAL A 413 -11.09 7.49 9.97
CA VAL A 413 -11.66 8.65 10.68
C VAL A 413 -12.76 9.18 9.78
N GLY A 414 -13.92 8.55 9.89
CA GLY A 414 -15.04 8.89 9.02
C GLY A 414 -15.99 7.71 8.87
N ARG A 415 -16.65 7.67 7.72
CA ARG A 415 -17.77 6.77 7.48
C ARG A 415 -17.34 5.55 6.67
N ALA A 416 -18.33 4.74 6.29
CA ALA A 416 -18.09 3.53 5.50
C ALA A 416 -19.35 3.20 4.71
N MET A 417 -19.19 2.33 3.71
CA MET A 417 -20.15 2.18 2.63
C MET A 417 -20.96 0.91 2.74
N TYR A 418 -22.25 1.00 2.39
CA TYR A 418 -23.07 -0.14 1.98
C TYR A 418 -23.35 -0.02 0.50
N ALA A 419 -23.25 -1.13 -0.22
CA ALA A 419 -23.59 -1.17 -1.63
C ALA A 419 -24.92 -1.91 -1.81
N PRO A 420 -25.92 -1.28 -2.42
CA PRO A 420 -27.19 -1.97 -2.63
C PRO A 420 -27.06 -3.02 -3.72
N PRO A 421 -27.86 -4.08 -3.68
CA PRO A 421 -27.78 -5.10 -4.71
C PRO A 421 -28.50 -4.69 -5.98
N ILE A 422 -28.15 -5.37 -7.07
CA ILE A 422 -28.79 -5.18 -8.37
C ILE A 422 -29.20 -6.54 -8.92
N ALA A 423 -30.17 -6.53 -9.82
CA ALA A 423 -30.71 -7.76 -10.38
C ALA A 423 -30.09 -8.06 -11.75
N GLY A 424 -30.29 -9.29 -12.20
CA GLY A 424 -29.85 -9.70 -13.53
C GLY A 424 -28.41 -10.18 -13.54
N ASN A 425 -28.10 -11.02 -14.54
CA ASN A 425 -26.73 -11.49 -14.71
C ASN A 425 -25.85 -10.33 -15.18
N ILE A 426 -24.67 -10.21 -14.59
CA ILE A 426 -23.81 -9.04 -14.80
C ILE A 426 -22.52 -9.50 -15.46
N THR A 427 -22.24 -8.95 -16.64
CA THR A 427 -20.97 -9.12 -17.31
C THR A 427 -20.27 -7.76 -17.36
N CYS A 428 -18.96 -7.78 -17.12
CA CYS A 428 -18.17 -6.57 -17.12
C CYS A 428 -16.87 -6.86 -17.85
N ILE A 429 -16.66 -6.17 -18.97
CA ILE A 429 -15.51 -6.40 -19.84
C ILE A 429 -14.65 -5.15 -19.83
N SER A 430 -13.33 -5.34 -19.79
CA SER A 430 -12.41 -4.22 -19.75
C SER A 430 -11.08 -4.65 -20.36
N ASN A 431 -10.13 -3.72 -20.39
CA ASN A 431 -8.79 -3.97 -20.89
C ASN A 431 -7.82 -3.76 -19.74
N ILE A 432 -6.86 -4.67 -19.58
CA ILE A 432 -5.79 -4.44 -18.61
C ILE A 432 -4.61 -3.80 -19.31
N THR A 433 -3.98 -2.86 -18.63
CA THR A 433 -2.89 -2.08 -19.21
C THR A 433 -1.61 -2.15 -18.38
N GLY A 434 -1.72 -2.12 -17.06
CA GLY A 434 -0.54 -1.99 -16.22
C GLY A 434 -0.54 -3.00 -15.09
N LEU A 435 0.65 -3.23 -14.57
CA LEU A 435 0.89 -4.10 -13.43
C LEU A 435 1.46 -3.29 -12.28
N LEU A 436 1.29 -3.79 -11.06
CA LEU A 436 1.80 -3.13 -9.87
C LEU A 436 2.63 -4.10 -9.03
N LEU A 437 3.56 -4.78 -9.68
CA LEU A 437 4.41 -5.75 -8.99
C LEU A 437 5.39 -5.05 -8.06
N THR A 438 5.88 -5.81 -7.08
CA THR A 438 6.75 -5.32 -6.02
C THR A 438 7.88 -6.32 -5.84
N ARG A 439 9.08 -5.79 -5.60
CA ARG A 439 10.33 -6.55 -5.65
C ARG A 439 10.77 -6.94 -4.24
N ASP A 440 11.23 -8.18 -4.09
CA ASP A 440 11.98 -8.60 -2.92
C ASP A 440 13.17 -9.43 -3.38
N GLY A 441 14.24 -9.40 -2.59
CA GLY A 441 15.41 -10.18 -2.92
C GLY A 441 15.82 -11.10 -1.79
N GLY A 442 16.13 -12.36 -2.13
CA GLY A 442 16.60 -13.32 -1.16
C GLY A 442 18.10 -13.54 -1.24
N LYS A 443 18.58 -14.42 -0.36
CA LYS A 443 20.00 -14.77 -0.37
C LYS A 443 20.35 -15.67 -1.56
N ASN A 444 19.36 -16.30 -2.17
CA ASN A 444 19.59 -17.09 -3.38
C ASN A 444 19.62 -16.18 -4.60
N ASN A 445 19.80 -16.80 -5.76
CA ASN A 445 19.94 -16.08 -7.02
C ASN A 445 18.60 -15.87 -7.73
N THR A 446 17.50 -15.80 -6.98
CA THR A 446 16.17 -15.57 -7.56
C THR A 446 15.57 -14.31 -6.94
N GLU A 447 15.36 -13.29 -7.77
CA GLU A 447 14.67 -12.09 -7.34
C GLU A 447 13.18 -12.32 -7.44
N THR A 448 12.48 -12.20 -6.31
CA THR A 448 11.05 -12.47 -6.28
C THR A 448 10.27 -11.20 -6.55
N PHE A 449 9.13 -11.36 -7.20
CA PHE A 449 8.19 -10.27 -7.40
C PHE A 449 6.81 -10.75 -7.01
N ARG A 450 5.96 -9.82 -6.60
CA ARG A 450 4.60 -10.18 -6.22
C ARG A 450 3.68 -9.00 -6.49
N PRO A 451 2.45 -9.24 -6.94
CA PRO A 451 1.52 -8.12 -7.15
C PRO A 451 1.19 -7.40 -5.85
N GLY A 452 1.11 -6.08 -5.94
CA GLY A 452 1.03 -5.26 -4.74
C GLY A 452 1.19 -3.77 -4.98
N GLY A 453 2.10 -3.15 -4.23
CA GLY A 453 2.29 -1.71 -4.30
C GLY A 453 1.94 -1.07 -2.98
N GLY A 454 0.84 -1.52 -2.37
CA GLY A 454 0.50 -1.14 -1.03
C GLY A 454 0.00 0.28 -0.85
N ASN A 455 -0.35 0.97 -1.92
CA ASN A 455 -0.91 2.31 -1.84
C ASN A 455 -1.90 2.50 -2.98
N MET A 456 -2.93 3.32 -2.76
CA MET A 456 -3.73 3.76 -3.89
C MET A 456 -2.99 4.80 -4.70
N LYS A 457 -2.02 5.48 -4.10
CA LYS A 457 -1.26 6.52 -4.80
C LYS A 457 -0.40 5.94 -5.91
N ASP A 458 -0.03 4.66 -5.80
CA ASP A 458 0.62 3.98 -6.91
C ASP A 458 -0.30 3.76 -8.09
N ASN A 459 -1.61 3.74 -7.88
CA ASN A 459 -2.54 3.62 -9.00
C ASN A 459 -2.61 4.94 -9.77
N TRP A 460 -2.69 6.08 -9.05
CA TRP A 460 -2.70 7.36 -9.73
C TRP A 460 -1.35 7.71 -10.33
N ARG A 461 -0.26 7.23 -9.72
CA ARG A 461 1.07 7.66 -10.14
C ARG A 461 1.50 7.03 -11.46
N SER A 462 0.78 6.02 -11.94
CA SER A 462 1.10 5.42 -13.22
C SER A 462 0.72 6.32 -14.40
N GLU A 463 -0.28 7.18 -14.24
CA GLU A 463 -0.71 8.07 -15.31
C GLU A 463 -0.44 9.53 -15.03
N LEU A 464 -0.04 9.88 -13.80
CA LEU A 464 0.24 11.26 -13.45
C LEU A 464 1.73 11.52 -13.32
N TYR A 465 2.56 10.60 -13.81
CA TYR A 465 4.01 10.73 -13.70
C TYR A 465 4.57 11.85 -14.56
N LYS A 466 3.89 12.18 -15.65
CA LYS A 466 4.41 13.12 -16.64
C LYS A 466 4.43 14.55 -16.14
N TYR A 467 3.48 14.94 -15.31
CA TYR A 467 3.20 16.35 -15.08
C TYR A 467 3.75 16.84 -13.75
N LYS A 468 4.34 18.04 -13.79
CA LYS A 468 4.65 18.84 -12.62
C LYS A 468 4.22 20.26 -12.91
N VAL A 469 4.18 21.10 -11.87
CA VAL A 469 3.76 22.49 -11.99
C VAL A 469 4.99 23.38 -11.91
N VAL A 470 4.97 24.48 -12.66
CA VAL A 470 6.03 25.47 -12.62
C VAL A 470 5.43 26.86 -12.40
N GLN B 20 9.40 17.30 12.06
CA GLN B 20 8.46 17.35 13.17
C GLN B 20 7.77 16.01 13.36
N VAL B 21 8.30 14.97 12.72
CA VAL B 21 7.76 13.62 12.85
C VAL B 21 8.18 13.06 14.21
N HIS B 22 7.25 12.37 14.87
CA HIS B 22 7.51 11.85 16.20
C HIS B 22 6.92 10.46 16.36
N LEU B 23 7.68 9.57 17.00
CA LEU B 23 7.22 8.24 17.37
C LEU B 23 7.15 8.14 18.87
N GLU B 24 6.02 7.67 19.40
CA GLU B 24 5.82 7.57 20.83
C GLU B 24 5.38 6.15 21.17
N GLN B 25 6.09 5.52 22.11
CA GLN B 25 5.68 4.25 22.67
C GLN B 25 5.85 4.29 24.18
N SER B 26 5.00 3.54 24.88
CA SER B 26 4.89 3.63 26.32
C SER B 26 5.79 2.60 27.00
N GLY B 27 5.65 2.49 28.33
CA GLY B 27 6.42 1.56 29.11
C GLY B 27 5.87 0.15 29.05
N ALA B 28 6.53 -0.74 29.78
CA ALA B 28 6.15 -2.14 29.83
C ALA B 28 6.58 -2.73 31.16
N GLU B 29 6.05 -3.92 31.46
CA GLU B 29 6.37 -4.60 32.70
C GLU B 29 6.76 -6.06 32.45
N VAL B 30 6.93 -6.83 33.51
CA VAL B 30 7.47 -8.18 33.43
C VAL B 30 6.38 -9.15 32.98
N LYS B 31 6.75 -10.09 32.12
CA LYS B 31 5.88 -11.18 31.70
C LYS B 31 6.56 -12.52 31.93
N GLU B 32 5.78 -13.58 31.81
CA GLU B 32 6.13 -14.97 32.08
C GLU B 32 6.59 -15.68 30.80
N PRO B 33 7.49 -16.65 30.92
CA PRO B 33 7.88 -17.43 29.74
C PRO B 33 6.75 -18.31 29.24
N GLY B 34 6.76 -18.58 27.93
CA GLY B 34 5.69 -19.30 27.31
C GLY B 34 4.47 -18.46 26.96
N SER B 35 4.50 -17.16 27.27
CA SER B 35 3.40 -16.25 27.06
C SER B 35 3.70 -15.33 25.89
N SER B 36 2.85 -14.32 25.71
CA SER B 36 3.04 -13.28 24.71
C SER B 36 3.19 -11.93 25.39
N VAL B 37 3.56 -10.94 24.60
CA VAL B 37 3.73 -9.57 25.09
C VAL B 37 3.20 -8.62 24.02
N ARG B 38 2.62 -7.50 24.46
CA ARG B 38 1.95 -6.55 23.58
C ARG B 38 2.76 -5.27 23.54
N LEU B 39 3.14 -4.82 22.34
CA LEU B 39 3.87 -3.58 22.17
C LEU B 39 3.13 -2.67 21.19
N SER B 40 3.00 -1.41 21.56
CA SER B 40 2.26 -0.44 20.75
C SER B 40 3.10 0.80 20.50
N CYS B 41 3.06 1.29 19.27
CA CYS B 41 3.72 2.54 18.90
C CYS B 41 2.77 3.42 18.12
N GLU B 42 2.90 4.73 18.29
CA GLU B 42 2.09 5.68 17.56
C GLU B 42 2.98 6.70 16.87
N ALA B 43 2.46 7.28 15.80
CA ALA B 43 3.20 8.18 14.93
C ALA B 43 2.46 9.51 14.80
N SER B 44 3.23 10.58 14.64
CA SER B 44 2.64 11.90 14.48
C SER B 44 3.55 12.76 13.61
N GLY B 45 3.00 13.87 13.14
CA GLY B 45 3.72 14.77 12.25
C GLY B 45 3.49 14.47 10.79
N TYR B 46 4.03 13.36 10.29
CA TYR B 46 3.87 13.07 8.88
C TYR B 46 2.70 12.10 8.71
N THR B 47 2.15 12.06 7.48
CA THR B 47 1.03 11.17 7.17
C THR B 47 1.43 9.71 7.31
N PHE B 48 0.66 8.97 8.10
CA PHE B 48 1.06 7.63 8.56
C PHE B 48 1.05 6.60 7.44
N THR B 49 0.29 6.80 6.39
CA THR B 49 0.12 5.78 5.36
C THR B 49 1.18 5.82 4.27
N ASP B 50 2.24 6.62 4.42
CA ASP B 50 3.14 6.88 3.29
C ASP B 50 4.55 6.38 3.51
N TYR B 51 4.92 5.89 4.70
CA TYR B 51 6.18 5.18 4.87
C TYR B 51 5.90 3.84 5.53
N TYR B 52 6.95 3.09 5.82
CA TYR B 52 6.84 1.79 6.47
C TYR B 52 7.36 1.86 7.90
N ILE B 53 6.97 0.88 8.71
CA ILE B 53 7.36 0.81 10.11
C ILE B 53 8.23 -0.41 10.32
N HIS B 54 9.41 -0.21 10.91
CA HIS B 54 10.35 -1.28 11.17
C HIS B 54 10.45 -1.54 12.67
N TRP B 55 10.86 -2.76 13.05
CA TRP B 55 11.09 -3.07 14.45
C TRP B 55 12.51 -3.58 14.64
N VAL B 56 13.23 -3.03 15.62
CA VAL B 56 14.58 -3.50 15.94
C VAL B 56 14.70 -3.70 17.44
N ARG B 57 15.73 -4.45 17.83
CA ARG B 57 15.94 -4.89 19.21
C ARG B 57 17.39 -4.69 19.60
N GLN B 58 17.61 -4.12 20.79
CA GLN B 58 18.94 -3.96 21.36
C GLN B 58 19.02 -4.75 22.66
N SER B 59 20.16 -5.41 22.87
CA SER B 59 20.41 -6.16 24.08
C SER B 59 21.91 -6.33 24.23
N PRO B 60 22.43 -6.39 25.46
CA PRO B 60 23.81 -6.82 25.66
C PRO B 60 23.99 -8.27 25.24
N ARG B 61 25.23 -8.57 24.79
CA ARG B 61 25.76 -9.88 24.36
C ARG B 61 25.21 -10.25 22.97
N GLN B 62 24.27 -9.47 22.45
CA GLN B 62 23.76 -9.61 21.11
C GLN B 62 23.97 -8.32 20.34
N GLY B 63 23.78 -8.39 19.03
CA GLY B 63 23.83 -7.21 18.20
C GLY B 63 22.50 -6.51 18.16
N LEU B 64 22.24 -5.84 17.04
CA LEU B 64 20.93 -5.23 16.80
C LEU B 64 20.21 -6.09 15.76
N GLU B 65 19.55 -7.13 16.26
CA GLU B 65 18.91 -8.08 15.36
C GLU B 65 17.63 -7.50 14.76
N TRP B 66 17.47 -7.70 13.46
CA TRP B 66 16.30 -7.25 12.74
C TRP B 66 15.09 -8.12 13.05
N MET B 67 13.95 -7.48 13.34
CA MET B 67 12.71 -8.21 13.58
C MET B 67 11.86 -8.33 12.33
N GLY B 68 11.47 -7.20 11.76
CA GLY B 68 10.62 -7.22 10.59
C GLY B 68 10.08 -5.84 10.27
N TRP B 69 9.32 -5.78 9.18
CA TRP B 69 8.71 -4.54 8.75
C TRP B 69 7.25 -4.73 8.36
N ILE B 70 6.49 -3.66 8.50
CA ILE B 70 5.05 -3.67 8.27
C ILE B 70 4.66 -2.46 7.43
N ASN B 71 3.82 -2.72 6.43
CA ASN B 71 3.08 -1.69 5.72
C ASN B 71 1.91 -1.25 6.60
N PRO B 72 1.79 0.04 6.91
CA PRO B 72 0.67 0.48 7.74
C PRO B 72 -0.65 0.58 6.99
N TYR B 73 -0.62 0.89 5.69
CA TYR B 73 -1.86 0.98 4.93
C TYR B 73 -2.48 -0.41 4.74
N TYR B 74 -1.71 -1.36 4.27
CA TYR B 74 -2.23 -2.68 3.98
C TYR B 74 -1.92 -3.60 5.15
N GLY B 75 -2.21 -4.88 4.98
CA GLY B 75 -1.90 -5.88 6.00
C GLY B 75 -0.64 -6.66 5.74
N ASN B 76 0.01 -6.47 4.58
CA ASN B 76 1.16 -7.27 4.24
C ASN B 76 2.37 -6.89 5.09
N THR B 77 3.11 -7.89 5.53
CA THR B 77 4.25 -7.74 6.41
C THR B 77 5.42 -8.54 5.85
N HIS B 78 6.60 -8.32 6.41
CA HIS B 78 7.71 -9.21 6.17
C HIS B 78 8.45 -9.45 7.47
N TYR B 79 8.86 -10.70 7.67
CA TYR B 79 9.31 -11.23 8.95
C TYR B 79 10.78 -11.61 8.84
N ALA B 80 11.29 -12.21 9.90
CA ALA B 80 12.63 -12.77 9.90
C ALA B 80 12.55 -14.29 10.02
N GLU B 81 13.51 -14.97 9.38
CA GLU B 81 13.53 -16.42 9.43
C GLU B 81 13.91 -16.96 10.80
N LYS B 82 14.62 -16.15 11.60
CA LYS B 82 14.92 -16.57 12.96
C LYS B 82 13.70 -16.46 13.86
N PHE B 83 12.81 -15.51 13.58
CA PHE B 83 11.69 -15.19 14.45
C PHE B 83 10.34 -15.48 13.80
N GLN B 84 10.31 -16.40 12.84
CA GLN B 84 9.06 -16.69 12.14
C GLN B 84 8.16 -17.54 13.02
N GLY B 85 6.91 -17.10 13.17
CA GLY B 85 5.91 -17.80 13.94
C GLY B 85 5.78 -17.34 15.37
N ARG B 86 6.84 -16.76 15.93
CA ARG B 86 6.82 -16.25 17.30
C ARG B 86 6.43 -14.78 17.38
N VAL B 87 6.30 -14.09 16.25
CA VAL B 87 5.91 -12.69 16.23
C VAL B 87 4.66 -12.54 15.38
N ALA B 88 3.89 -11.50 15.70
CA ALA B 88 2.69 -11.15 14.98
C ALA B 88 2.62 -9.64 14.87
N MET B 89 2.08 -9.14 13.77
CA MET B 89 2.07 -7.72 13.48
C MET B 89 0.66 -7.25 13.18
N THR B 90 0.39 -5.99 13.52
CA THR B 90 -0.94 -5.43 13.29
C THR B 90 -0.81 -3.93 13.05
N ARG B 91 -1.46 -3.43 12.01
CA ARG B 91 -1.61 -2.01 11.78
C ARG B 91 -2.98 -1.55 12.27
N ASP B 92 -3.07 -0.28 12.65
CA ASP B 92 -4.37 0.32 12.98
C ASP B 92 -4.36 1.76 12.50
N ARG B 93 -5.02 2.01 11.37
CA ARG B 93 -4.99 3.33 10.76
C ARG B 93 -5.93 4.31 11.45
N SER B 94 -6.87 3.83 12.27
CA SER B 94 -7.79 4.72 12.96
C SER B 94 -7.07 5.50 14.05
N THR B 95 -6.25 4.82 14.84
CA THR B 95 -5.45 5.45 15.88
C THR B 95 -4.01 5.69 15.44
N THR B 96 -3.68 5.34 14.19
CA THR B 96 -2.34 5.45 13.58
C THR B 96 -1.27 4.78 14.45
N THR B 97 -1.48 3.49 14.72
CA THR B 97 -0.62 2.74 15.61
C THR B 97 -0.12 1.45 14.95
N ALA B 98 1.04 1.02 15.41
CA ALA B 98 1.63 -0.27 15.03
C ALA B 98 1.72 -1.15 16.28
N TYR B 99 1.26 -2.39 16.15
CA TYR B 99 1.16 -3.33 17.26
C TYR B 99 2.02 -4.54 16.95
N MET B 100 2.86 -4.93 17.91
CA MET B 100 3.77 -6.05 17.80
C MET B 100 3.51 -7.04 18.92
N ASP B 101 3.51 -8.33 18.57
CA ASP B 101 3.23 -9.42 19.52
C ASP B 101 4.34 -10.45 19.43
N LEU B 102 5.30 -10.38 20.34
CA LEU B 102 6.20 -11.49 20.54
C LEU B 102 5.54 -12.55 21.42
N SER B 103 5.62 -13.80 20.96
CA SER B 103 4.99 -14.92 21.65
C SER B 103 6.02 -16.00 21.91
N SER B 104 5.75 -16.80 22.94
CA SER B 104 6.60 -17.90 23.41
C SER B 104 7.99 -17.38 23.78
N LEU B 105 8.01 -16.59 24.85
CA LEU B 105 9.22 -15.95 25.32
C LEU B 105 10.28 -16.95 25.79
N THR B 106 11.53 -16.52 25.66
CA THR B 106 12.70 -17.28 26.05
C THR B 106 13.59 -16.31 26.81
N SER B 107 14.38 -16.82 27.76
CA SER B 107 15.14 -16.01 28.71
C SER B 107 16.16 -15.08 28.05
N GLU B 108 16.55 -15.34 26.80
CA GLU B 108 17.47 -14.45 26.11
C GLU B 108 16.81 -13.19 25.57
N ASP B 109 15.48 -13.10 25.60
CA ASP B 109 14.77 -12.00 24.97
C ASP B 109 14.60 -10.78 25.87
N THR B 110 15.21 -10.77 27.06
CA THR B 110 15.17 -9.60 27.92
C THR B 110 15.97 -8.48 27.27
N ALA B 111 15.26 -7.50 26.70
CA ALA B 111 15.92 -6.57 25.79
C ALA B 111 15.09 -5.29 25.70
N VAL B 112 15.70 -4.26 25.13
CA VAL B 112 15.00 -3.02 24.81
C VAL B 112 14.61 -3.05 23.35
N TYR B 113 13.43 -2.54 23.04
CA TYR B 113 12.83 -2.64 21.71
C TYR B 113 12.58 -1.24 21.17
N TYR B 114 12.80 -1.08 19.86
CA TYR B 114 12.67 0.21 19.20
C TYR B 114 11.82 0.09 17.95
N CYS B 115 10.99 1.10 17.71
CA CYS B 115 10.29 1.30 16.46
C CYS B 115 11.16 2.10 15.49
N ALA B 116 10.76 2.13 14.23
CA ALA B 116 11.51 2.88 13.23
C ALA B 116 10.61 3.35 12.11
N ARG B 117 10.73 4.63 11.74
CA ARG B 117 10.06 5.15 10.55
C ARG B 117 11.02 5.07 9.37
N ASP B 118 10.57 4.45 8.29
CA ASP B 118 11.46 4.28 7.14
C ASP B 118 11.30 5.50 6.22
N GLU B 119 12.16 5.59 5.21
CA GLU B 119 12.08 6.64 4.20
C GLU B 119 11.96 6.00 2.83
N GLY B 120 11.72 6.85 1.82
CA GLY B 120 11.54 6.39 0.46
C GLY B 120 10.29 5.57 0.28
N GLY B 121 9.19 6.03 0.88
CA GLY B 121 7.93 5.32 0.91
C GLY B 121 7.34 5.01 -0.45
N SER B 122 7.03 3.72 -0.65
CA SER B 122 6.61 3.11 -1.92
C SER B 122 7.64 3.32 -3.03
N GLY B 123 8.89 3.59 -2.67
CA GLY B 123 9.94 3.77 -3.67
C GLY B 123 11.06 2.78 -3.48
N SER B 124 12.20 3.28 -3.03
CA SER B 124 13.35 2.47 -2.65
C SER B 124 13.67 2.74 -1.19
N TYR B 125 13.26 1.84 -0.31
CA TYR B 125 13.54 2.00 1.12
C TYR B 125 15.01 1.78 1.41
N SER B 126 15.65 2.83 1.92
CA SER B 126 17.10 2.78 2.06
C SER B 126 17.57 2.83 3.51
N TYR B 127 17.25 3.90 4.23
CA TYR B 127 17.76 4.05 5.59
C TYR B 127 16.65 4.67 6.44
N PHE B 128 16.49 4.17 7.66
CA PHE B 128 15.48 4.68 8.56
C PHE B 128 16.10 5.62 9.59
N ASP B 129 15.41 6.72 9.86
CA ASP B 129 15.97 7.82 10.62
C ASP B 129 15.24 8.08 11.93
N SER B 130 13.92 8.15 11.91
CA SER B 130 13.16 8.57 13.08
C SER B 130 12.89 7.37 13.98
N TRP B 131 13.37 7.46 15.21
CA TRP B 131 13.22 6.38 16.18
C TRP B 131 12.46 6.89 17.39
N GLY B 132 11.86 5.95 18.12
CA GLY B 132 11.14 6.25 19.33
C GLY B 132 12.04 6.22 20.55
N GLN B 133 11.41 6.20 21.72
CA GLN B 133 12.17 6.20 22.97
C GLN B 133 12.81 4.85 23.22
N GLY B 134 12.08 3.77 22.95
CA GLY B 134 12.59 2.43 23.17
C GLY B 134 12.26 1.95 24.56
N VAL B 135 11.77 0.71 24.69
CA VAL B 135 11.20 0.24 25.94
C VAL B 135 11.79 -1.12 26.31
N LEU B 136 12.14 -1.27 27.59
CA LEU B 136 12.61 -2.55 28.11
C LEU B 136 11.46 -3.54 28.23
N VAL B 137 11.74 -4.81 27.94
CA VAL B 137 10.87 -5.91 28.28
C VAL B 137 11.73 -7.03 28.86
N THR B 138 11.28 -7.58 29.98
CA THR B 138 12.01 -8.60 30.71
C THR B 138 11.08 -9.75 31.01
N VAL B 139 11.56 -10.96 30.77
CA VAL B 139 10.79 -12.18 30.98
C VAL B 139 11.32 -12.90 32.21
N SER B 140 10.40 -13.32 33.10
CA SER B 140 10.78 -14.07 34.28
C SER B 140 9.62 -14.96 34.69
N SER B 141 9.94 -16.08 35.31
CA SER B 141 8.94 -17.04 35.76
C SER B 141 8.66 -16.87 37.25
N ASP C 20 22.94 -15.23 4.15
CA ASP C 20 23.06 -14.19 5.16
C ASP C 20 24.29 -13.34 4.89
N ILE C 21 24.31 -12.14 5.45
CA ILE C 21 25.38 -11.16 5.20
C ILE C 21 26.01 -10.83 6.54
N GLN C 22 27.31 -11.04 6.66
CA GLN C 22 28.04 -10.82 7.90
C GLN C 22 29.08 -9.72 7.71
N MET C 23 29.14 -8.82 8.68
CA MET C 23 30.13 -7.75 8.66
C MET C 23 31.11 -7.93 9.81
N THR C 24 32.27 -7.32 9.65
CA THR C 24 33.24 -7.11 10.73
C THR C 24 33.62 -5.63 10.73
N GLN C 25 34.19 -5.17 11.83
CA GLN C 25 34.57 -3.77 11.93
C GLN C 25 36.00 -3.62 12.41
N SER C 26 36.37 -2.38 12.74
CA SER C 26 37.56 -2.10 13.52
C SER C 26 37.37 -2.63 14.94
N PRO C 27 38.47 -2.85 15.69
CA PRO C 27 38.32 -3.20 17.11
C PRO C 27 37.60 -2.12 17.91
N SER C 28 37.04 -2.54 19.04
CA SER C 28 36.03 -1.75 19.76
C SER C 28 36.58 -0.48 20.36
N SER C 29 37.88 -0.36 20.55
CA SER C 29 38.49 0.81 21.17
C SER C 29 39.36 1.53 20.15
N LEU C 30 39.11 2.82 19.96
CA LEU C 30 39.95 3.69 19.15
C LEU C 30 40.46 4.84 20.00
N SER C 31 41.77 5.02 20.02
CA SER C 31 42.36 6.18 20.69
C SER C 31 42.07 7.44 19.89
N ALA C 32 41.72 8.51 20.60
CA ALA C 32 41.37 9.75 19.94
C ALA C 32 41.70 10.92 20.85
N SER C 33 41.81 12.11 20.25
CA SER C 33 42.02 13.36 20.96
C SER C 33 41.09 14.41 20.37
N VAL C 34 40.82 15.45 21.16
CA VAL C 34 39.83 16.44 20.78
C VAL C 34 40.40 17.32 19.67
N GLY C 35 39.64 17.43 18.57
CA GLY C 35 40.03 18.30 17.48
C GLY C 35 40.97 17.70 16.47
N ASP C 36 41.08 16.37 16.41
CA ASP C 36 41.96 15.70 15.46
C ASP C 36 41.13 14.82 14.52
N THR C 37 41.80 13.95 13.79
CA THR C 37 41.12 13.06 12.85
C THR C 37 40.93 11.67 13.45
N VAL C 38 39.82 11.05 13.08
CA VAL C 38 39.47 9.69 13.49
C VAL C 38 39.02 8.92 12.25
N THR C 39 39.71 7.82 11.96
CA THR C 39 39.35 6.97 10.84
C THR C 39 38.70 5.69 11.37
N ILE C 40 37.47 5.42 10.95
CA ILE C 40 36.78 4.21 11.35
C ILE C 40 36.32 3.49 10.09
N THR C 41 36.27 2.16 10.13
CA THR C 41 35.94 1.40 8.94
C THR C 41 35.22 0.12 9.33
N CYS C 42 34.47 -0.43 8.37
CA CYS C 42 33.87 -1.74 8.53
C CYS C 42 33.82 -2.46 7.19
N ARG C 43 34.05 -3.77 7.25
CA ARG C 43 34.12 -4.66 6.10
C ARG C 43 32.88 -5.54 6.04
N ALA C 44 32.38 -5.75 4.83
CA ALA C 44 31.30 -6.70 4.58
C ALA C 44 31.86 -7.95 3.91
N SER C 45 30.99 -8.93 3.72
CA SER C 45 31.41 -10.21 3.17
C SER C 45 30.91 -10.45 1.75
N GLN C 46 29.85 -9.76 1.32
CA GLN C 46 29.32 -9.95 -0.03
C GLN C 46 29.19 -8.62 -0.75
N ASP C 47 28.51 -8.61 -1.89
CA ASP C 47 28.29 -7.33 -2.61
C ASP C 47 27.10 -6.59 -1.97
N ILE C 48 27.37 -5.46 -1.31
CA ILE C 48 26.29 -4.64 -0.69
C ILE C 48 26.19 -3.32 -1.46
N ASN C 49 26.81 -3.26 -2.65
CA ASN C 49 26.80 -2.01 -3.46
C ASN C 49 27.07 -0.82 -2.54
N ASN C 50 26.28 0.24 -2.66
CA ASN C 50 26.44 1.43 -1.79
C ASN C 50 25.24 1.52 -0.83
N HIS C 51 24.51 0.42 -0.67
CA HIS C 51 23.35 0.39 0.26
C HIS C 51 23.86 0.32 1.70
N LEU C 52 24.54 1.37 2.17
CA LEU C 52 25.12 1.34 3.54
C LEU C 52 24.77 2.63 4.28
N SER C 53 24.68 2.56 5.60
CA SER C 53 24.39 3.72 6.43
C SER C 53 25.09 3.56 7.77
N TRP C 54 25.20 4.66 8.52
CA TRP C 54 25.85 4.63 9.81
C TRP C 54 24.94 5.27 10.86
N TYR C 55 25.13 4.86 12.11
CA TYR C 55 24.36 5.39 13.24
C TYR C 55 25.28 5.68 14.40
N GLN C 56 24.92 6.70 15.19
CA GLN C 56 25.72 7.18 16.30
C GLN C 56 24.99 6.88 17.60
N GLN C 57 25.41 5.81 18.28
CA GLN C 57 24.76 5.31 19.49
C GLN C 57 25.39 5.91 20.72
N LYS C 58 24.60 6.70 21.46
CA LYS C 58 24.88 7.24 22.78
C LYS C 58 24.07 6.48 23.82
N PRO C 59 24.65 6.12 24.96
CA PRO C 59 23.91 5.35 25.97
C PRO C 59 22.75 6.13 26.58
N GLY C 60 21.64 5.43 26.79
CA GLY C 60 20.44 6.05 27.31
C GLY C 60 19.60 6.79 26.29
N ARG C 61 19.97 6.74 25.01
CA ARG C 61 19.32 7.51 23.98
C ARG C 61 19.26 6.69 22.70
N ALA C 62 18.12 6.75 22.02
CA ALA C 62 18.00 6.06 20.74
C ALA C 62 18.85 6.77 19.68
N PRO C 63 19.70 6.04 18.97
CA PRO C 63 20.61 6.68 18.02
C PRO C 63 19.91 7.19 16.77
N LYS C 64 20.68 7.97 16.01
CA LYS C 64 20.21 8.69 14.83
C LYS C 64 21.19 8.47 13.69
N ALA C 65 20.64 8.33 12.48
CA ALA C 65 21.47 8.25 11.28
C ALA C 65 22.21 9.56 11.04
N LEU C 66 23.47 9.44 10.62
CA LEU C 66 24.29 10.62 10.38
C LEU C 66 24.83 10.65 8.96
N ILE C 67 25.10 9.47 8.39
CA ILE C 67 25.55 9.37 7.01
C ILE C 67 24.86 8.16 6.38
N TYR C 68 24.46 8.32 5.12
CA TYR C 68 23.73 7.29 4.39
C TYR C 68 24.24 7.24 2.96
N SER C 69 24.22 6.04 2.39
CA SER C 69 24.62 5.74 1.00
C SER C 69 26.06 6.12 0.70
N ALA C 70 26.90 6.27 1.74
CA ALA C 70 28.33 6.52 1.74
C ALA C 70 28.75 7.88 1.20
N SER C 71 27.82 8.69 0.69
CA SER C 71 28.20 9.99 0.18
C SER C 71 27.34 11.14 0.69
N SER C 72 26.04 10.93 0.82
CA SER C 72 25.09 12.02 1.05
C SER C 72 24.73 12.10 2.53
N LEU C 73 24.80 13.31 3.09
CA LEU C 73 24.50 13.51 4.50
C LEU C 73 23.05 13.95 4.67
N GLU C 74 22.59 13.84 5.91
CA GLU C 74 21.23 14.18 6.28
C GLU C 74 21.22 15.58 6.90
N THR C 75 20.10 16.29 6.73
CA THR C 75 20.03 17.70 7.09
C THR C 75 20.08 17.90 8.61
N GLY C 76 20.88 18.88 9.03
CA GLY C 76 21.19 19.09 10.42
C GLY C 76 22.47 18.42 10.89
N VAL C 77 22.93 17.41 10.17
CA VAL C 77 24.18 16.72 10.48
C VAL C 77 25.31 17.47 9.78
N PRO C 78 26.34 17.90 10.50
CA PRO C 78 27.39 18.72 9.89
C PRO C 78 28.33 17.94 8.97
N SER C 79 29.34 18.64 8.45
CA SER C 79 30.27 18.08 7.48
C SER C 79 31.47 17.41 8.12
N ARG C 80 31.41 17.14 9.43
CA ARG C 80 32.53 16.49 10.10
C ARG C 80 32.64 15.01 9.76
N PHE C 81 31.58 14.39 9.27
CA PHE C 81 31.53 12.95 9.04
C PHE C 81 31.55 12.71 7.54
N SER C 82 32.71 12.33 7.02
CA SER C 82 32.87 12.11 5.58
C SER C 82 32.98 10.62 5.30
N GLY C 83 32.04 10.10 4.53
CA GLY C 83 32.03 8.69 4.18
C GLY C 83 32.66 8.44 2.82
N SER C 84 33.31 7.27 2.69
CA SER C 84 33.97 6.91 1.45
C SER C 84 34.10 5.39 1.40
N GLY C 85 34.43 4.90 0.21
CA GLY C 85 34.65 3.49 -0.01
C GLY C 85 33.66 2.91 -1.02
N SER C 86 33.95 1.67 -1.39
CA SER C 86 33.11 0.91 -2.30
C SER C 86 33.40 -0.56 -2.12
N GLY C 87 32.46 -1.39 -2.60
CA GLY C 87 32.65 -2.83 -2.55
C GLY C 87 32.41 -3.45 -1.19
N THR C 88 33.45 -4.03 -0.60
CA THR C 88 33.33 -4.80 0.63
C THR C 88 34.01 -4.16 1.83
N ASP C 89 34.38 -2.88 1.73
CA ASP C 89 34.96 -2.17 2.85
C ASP C 89 34.61 -0.69 2.76
N TYR C 90 34.25 -0.09 3.89
CA TYR C 90 33.76 1.29 3.89
C TYR C 90 34.36 2.04 5.07
N THR C 91 34.72 3.31 4.81
CA THR C 91 35.44 4.14 5.76
C THR C 91 34.66 5.42 6.04
N LEU C 92 34.85 5.92 7.26
CA LEU C 92 34.29 7.18 7.72
C LEU C 92 35.41 7.96 8.41
N THR C 93 35.63 9.18 7.95
CA THR C 93 36.65 10.06 8.49
C THR C 93 35.98 11.19 9.26
N ILE C 94 36.49 11.45 10.46
CA ILE C 94 36.01 12.50 11.34
C ILE C 94 37.14 13.51 11.47
N SER C 95 36.89 14.73 11.01
CA SER C 95 37.92 15.77 10.97
C SER C 95 37.57 16.85 11.97
N SER C 96 38.47 17.10 12.92
CA SER C 96 38.37 18.13 13.95
C SER C 96 37.09 17.95 14.78
N LEU C 97 37.05 16.87 15.54
CA LEU C 97 35.85 16.49 16.25
C LEU C 97 35.70 17.25 17.56
N GLN C 98 34.44 17.47 17.92
CA GLN C 98 33.93 18.08 19.13
C GLN C 98 33.51 17.00 20.14
N PRO C 99 33.42 17.34 21.44
CA PRO C 99 33.22 16.30 22.47
C PRO C 99 31.92 15.49 22.40
N GLU C 100 30.88 15.96 21.72
CA GLU C 100 29.72 15.09 21.63
C GLU C 100 29.74 14.18 20.41
N ASP C 101 30.93 13.81 19.93
CA ASP C 101 31.12 12.64 19.09
C ASP C 101 31.93 11.53 19.77
N PHE C 102 31.92 11.48 21.11
CA PHE C 102 32.63 10.47 21.87
C PHE C 102 31.80 9.20 22.10
N ALA C 103 30.83 8.92 21.25
CA ALA C 103 29.93 7.79 21.45
C ALA C 103 30.29 6.64 20.52
N THR C 104 29.43 5.62 20.49
CA THR C 104 29.65 4.41 19.71
C THR C 104 29.09 4.61 18.30
N TYR C 105 29.64 3.88 17.33
CA TYR C 105 29.19 3.98 15.95
C TYR C 105 28.90 2.60 15.37
N TYR C 106 27.75 2.48 14.72
CA TYR C 106 27.33 1.24 14.07
C TYR C 106 27.21 1.47 12.58
N CYS C 107 27.54 0.44 11.79
CA CYS C 107 27.33 0.47 10.35
C CYS C 107 26.34 -0.62 9.96
N GLN C 108 25.36 -0.27 9.13
CA GLN C 108 24.28 -1.15 8.73
C GLN C 108 24.24 -1.23 7.20
N HIS C 109 24.18 -2.46 6.68
CA HIS C 109 23.95 -2.64 5.26
C HIS C 109 22.44 -2.75 5.00
N TYR C 110 22.04 -2.30 3.81
CA TYR C 110 20.66 -2.45 3.36
C TYR C 110 20.63 -2.93 1.92
N SER C 111 21.44 -3.93 1.62
CA SER C 111 21.48 -4.48 0.28
C SER C 111 20.19 -5.23 -0.04
N THR C 112 19.92 -6.29 0.71
CA THR C 112 18.73 -7.13 0.55
C THR C 112 18.58 -7.94 1.83
N SER C 113 17.58 -8.86 1.83
CA SER C 113 17.37 -9.93 2.80
C SER C 113 17.00 -9.36 4.17
N PRO C 114 16.76 -10.19 5.20
CA PRO C 114 16.83 -9.67 6.58
C PRO C 114 18.17 -9.02 6.88
N TYR C 115 18.12 -7.86 7.54
CA TYR C 115 19.29 -7.03 7.72
C TYR C 115 20.18 -7.59 8.82
N THR C 116 21.38 -7.03 8.94
CA THR C 116 22.31 -7.43 9.98
C THR C 116 23.12 -6.19 10.37
N PHE C 117 23.38 -6.03 11.65
CA PHE C 117 24.08 -4.86 12.16
C PHE C 117 25.52 -5.21 12.52
N GLY C 118 26.32 -4.15 12.72
CA GLY C 118 27.68 -4.30 13.18
C GLY C 118 27.76 -4.45 14.69
N ARG C 119 28.99 -4.57 15.17
CA ARG C 119 29.22 -4.76 16.59
C ARG C 119 29.50 -3.45 17.33
N GLY C 120 29.87 -2.39 16.62
CA GLY C 120 30.04 -1.09 17.23
C GLY C 120 31.38 -0.89 17.92
N THR C 121 31.99 0.27 17.67
CA THR C 121 33.24 0.66 18.31
C THR C 121 33.03 1.98 19.06
N LYS C 122 33.55 2.06 20.27
CA LYS C 122 33.45 3.28 21.05
C LYS C 122 34.65 4.18 20.81
N VAL C 123 34.45 5.48 21.04
CA VAL C 123 35.51 6.47 20.97
C VAL C 123 35.76 6.97 22.39
N ASP C 124 36.97 6.76 22.89
CA ASP C 124 37.28 7.02 24.29
C ASP C 124 38.59 7.79 24.40
N ILE C 125 38.74 8.51 25.51
CA ILE C 125 39.93 9.30 25.79
C ILE C 125 40.92 8.41 26.53
N LYS C 126 42.16 8.38 26.05
CA LYS C 126 43.22 7.60 26.71
C LYS C 126 43.58 8.19 28.06
#